data_5JY3
#
_entry.id   5JY3
#
_cell.length_a   183.660
_cell.length_b   120.350
_cell.length_c   55.720
_cell.angle_alpha   90.000
_cell.angle_beta   107.490
_cell.angle_gamma   90.000
#
_symmetry.space_group_name_H-M   'C 1 2 1'
#
loop_
_entity.id
_entity.type
_entity.pdbx_description
1 polymer 'Oxysterols receptor LXR-beta'
2 non-polymer '2-[2-[2-[2,6-bis(chloranyl)phenyl]propan-2-yl]-1-[2-fluoranyl-4-[3-fluoranyl-4-(hydroxymethyl)-5-methylsulfonyl-phenyl] phenyl]imidazol-4-yl]propan-2-ol'
3 non-polymer 1,4-BUTANEDIOL
4 water water
#
_entity_poly.entity_id   1
_entity_poly.type   'polypeptide(L)'
_entity_poly.pdbx_seq_one_letter_code
;MHHHHHHGENLYFQGSEGEGVQLTAAQELMIQQLVAAQLQCNKRSFSDQPKVTPWPLGADPQSRDARQQRFAHFTELAII
SVQEIVDFAKQVPGFLQLGREDQIALLKASTIEIMLLETARRYNHETECITFLKDFTYSKDDFHRAGLQVEFINPIFEFS
RAMRRLGLDDAEYALLIAINIFSADRPNVQEPGRVEALQQPYVEALLSYTRIKRPQDQLRFPRMLMKLVSLRTLSSVHSE
QVFALRLQDKKLPPLLSEIWDVHE
;
_entity_poly.pdbx_strand_id   A,B,C,D
#
# COMPACT_ATOMS: atom_id res chain seq x y z
N GLN A 22 -37.26 18.82 11.11
CA GLN A 22 -36.76 19.80 12.16
C GLN A 22 -35.22 19.80 12.09
N LEU A 23 -34.56 20.91 11.75
CA LEU A 23 -33.11 20.95 12.11
C LEU A 23 -33.13 21.55 13.45
N THR A 24 -32.76 20.68 14.34
CA THR A 24 -32.25 20.96 15.60
C THR A 24 -31.31 22.12 15.59
N ALA A 25 -31.25 22.87 16.67
CA ALA A 25 -30.30 23.96 16.80
C ALA A 25 -28.88 23.42 16.89
N ALA A 26 -28.75 22.23 17.40
CA ALA A 26 -27.48 21.56 17.45
C ALA A 26 -26.96 21.26 16.04
N GLN A 27 -27.75 20.60 15.20
CA GLN A 27 -27.50 20.43 13.77
C GLN A 27 -27.20 21.68 12.99
N GLU A 28 -28.12 22.63 13.01
CA GLU A 28 -27.95 23.89 12.29
C GLU A 28 -26.61 24.59 12.67
N LEU A 29 -26.25 24.64 13.95
CA LEU A 29 -24.93 25.08 14.34
C LEU A 29 -23.79 24.18 13.87
N MET A 30 -23.96 22.88 13.92
CA MET A 30 -22.92 21.97 13.47
C MET A 30 -22.62 22.08 12.00
N ILE A 31 -23.62 22.36 11.20
CA ILE A 31 -23.44 22.41 9.76
C ILE A 31 -22.74 23.74 9.34
N GLN A 32 -23.13 24.82 10.02
CA GLN A 32 -22.43 26.09 9.98
C GLN A 32 -20.96 26.02 10.35
N GLN A 33 -20.65 25.18 11.31
CA GLN A 33 -19.25 25.03 11.72
C GLN A 33 -18.47 24.22 10.65
N LEU A 34 -19.12 23.19 10.10
CA LEU A 34 -18.61 22.40 9.01
C LEU A 34 -18.31 23.23 7.73
N VAL A 35 -19.32 23.94 7.26
CA VAL A 35 -19.22 24.85 6.12
C VAL A 35 -18.22 26.00 6.32
N ALA A 36 -18.02 26.45 7.56
CA ALA A 36 -17.14 27.55 7.75
C ALA A 36 -15.73 27.02 7.82
N ALA A 37 -15.51 25.94 8.59
CA ALA A 37 -14.29 25.16 8.57
C ALA A 37 -13.79 24.79 7.18
N GLN A 38 -14.71 24.46 6.28
CA GLN A 38 -14.40 24.09 4.89
C GLN A 38 -13.99 25.35 4.09
N LEU A 39 -14.80 26.41 4.13
CA LEU A 39 -14.39 27.68 3.55
C LEU A 39 -13.01 28.19 4.06
N GLN A 40 -12.77 28.08 5.37
CA GLN A 40 -11.58 28.61 6.03
C GLN A 40 -10.37 27.77 5.66
N CYS A 41 -10.63 26.56 5.18
CA CYS A 41 -9.60 25.74 4.57
C CYS A 41 -9.17 26.32 3.28
N ASN A 42 -10.12 26.46 2.34
CA ASN A 42 -9.82 26.87 0.97
C ASN A 42 -9.01 28.18 0.84
N LYS A 43 -9.47 29.23 1.55
CA LYS A 43 -8.88 30.57 1.44
C LYS A 43 -7.50 30.70 2.12
N ARG A 44 -7.14 29.71 2.95
CA ARG A 44 -5.74 29.51 3.27
C ARG A 44 -5.00 28.89 2.07
N PRO A 50 1.08 32.74 -5.18
CA PRO A 50 1.20 31.37 -4.66
C PRO A 50 2.58 30.70 -4.93
N LYS A 51 3.12 30.04 -3.92
CA LYS A 51 4.38 29.33 -3.99
C LYS A 51 4.43 28.04 -4.83
N VAL A 52 3.38 27.70 -5.57
CA VAL A 52 3.36 26.45 -6.33
C VAL A 52 4.08 26.62 -7.64
N THR A 53 4.77 25.56 -8.12
CA THR A 53 5.48 25.68 -9.40
C THR A 53 4.42 26.10 -10.36
N PRO A 54 4.68 27.21 -11.12
CA PRO A 54 3.65 27.75 -12.04
C PRO A 54 3.25 26.75 -13.14
N TRP A 55 1.99 26.82 -13.57
CA TRP A 55 1.49 25.95 -14.63
C TRP A 55 2.23 26.41 -15.87
N PRO A 56 2.83 25.46 -16.65
CA PRO A 56 3.50 25.79 -17.92
C PRO A 56 2.55 26.17 -19.03
N ARG A 64 9.69 15.84 -20.96
CA ARG A 64 10.40 17.11 -21.11
C ARG A 64 10.09 17.94 -19.89
N ASP A 65 10.44 19.22 -19.92
CA ASP A 65 10.46 20.00 -18.70
C ASP A 65 9.10 20.43 -18.23
N ALA A 66 8.23 20.76 -19.19
CA ALA A 66 6.91 21.25 -18.95
C ALA A 66 6.05 20.09 -18.48
N ARG A 67 6.25 18.88 -19.01
CA ARG A 67 5.39 17.80 -18.59
C ARG A 67 5.80 17.41 -17.16
N GLN A 68 7.08 17.48 -16.86
CA GLN A 68 7.47 17.44 -15.49
C GLN A 68 6.96 18.62 -14.68
N GLN A 69 6.89 19.83 -15.26
CA GLN A 69 6.44 21.00 -14.48
C GLN A 69 5.02 20.80 -14.04
N ARG A 70 4.30 19.96 -14.79
CA ARG A 70 2.87 19.83 -14.76
C ARG A 70 2.64 18.78 -13.66
N PHE A 71 3.33 17.65 -13.85
CA PHE A 71 3.44 16.59 -12.88
C PHE A 71 3.77 17.13 -11.47
N ALA A 72 4.86 17.87 -11.32
CA ALA A 72 5.17 18.54 -10.05
C ALA A 72 4.09 19.57 -9.58
N HIS A 73 3.44 20.21 -10.53
CA HIS A 73 2.36 21.08 -10.25
C HIS A 73 1.30 20.28 -9.47
N PHE A 74 0.89 19.15 -10.01
CA PHE A 74 -0.16 18.33 -9.44
C PHE A 74 0.26 17.71 -8.13
N THR A 75 1.54 17.35 -8.03
CA THR A 75 2.10 16.83 -6.82
C THR A 75 1.95 17.77 -5.73
N GLU A 76 2.11 19.05 -5.99
CA GLU A 76 2.04 20.06 -4.98
C GLU A 76 0.59 20.43 -4.68
N LEU A 77 -0.27 20.17 -5.66
CA LEU A 77 -1.72 20.37 -5.57
C LEU A 77 -2.24 19.40 -4.51
N ALA A 78 -1.87 18.13 -4.66
CA ALA A 78 -2.09 17.03 -3.70
C ALA A 78 -1.49 17.34 -2.35
N ILE A 79 -0.29 17.91 -2.29
CA ILE A 79 0.36 18.08 -1.01
C ILE A 79 -0.45 19.06 -0.15
N ILE A 80 -0.94 20.10 -0.80
CA ILE A 80 -1.69 21.17 -0.14
C ILE A 80 -3.04 20.59 0.26
N SER A 81 -3.64 19.86 -0.65
CA SER A 81 -4.84 19.15 -0.44
C SER A 81 -4.82 18.31 0.88
N VAL A 82 -3.86 17.40 1.05
CA VAL A 82 -3.60 16.65 2.28
C VAL A 82 -3.62 17.52 3.52
N GLN A 83 -2.95 18.65 3.48
CA GLN A 83 -2.90 19.57 4.65
C GLN A 83 -4.25 20.29 4.90
N GLU A 84 -4.96 20.65 3.87
CA GLU A 84 -6.31 21.17 3.98
C GLU A 84 -7.21 20.18 4.78
N ILE A 85 -7.18 18.94 4.30
CA ILE A 85 -7.91 17.80 4.82
C ILE A 85 -7.52 17.43 6.23
N VAL A 86 -6.27 17.63 6.56
CA VAL A 86 -5.90 17.50 7.99
C VAL A 86 -6.55 18.64 8.75
N ASP A 87 -6.58 19.85 8.19
CA ASP A 87 -7.04 21.00 8.99
C ASP A 87 -8.58 21.05 9.12
N PHE A 88 -9.26 20.61 8.07
CA PHE A 88 -10.68 20.42 8.08
C PHE A 88 -11.03 19.52 9.23
N ALA A 89 -10.37 18.37 9.29
CA ALA A 89 -10.63 17.26 10.18
C ALA A 89 -10.49 17.59 11.63
N LYS A 90 -9.40 18.23 11.95
CA LYS A 90 -9.22 18.73 13.32
C LYS A 90 -10.41 19.52 13.82
N GLN A 91 -11.19 20.10 12.89
CA GLN A 91 -12.36 20.97 13.20
C GLN A 91 -13.70 20.25 13.16
N VAL A 92 -13.69 18.95 12.93
CA VAL A 92 -14.90 18.15 12.96
C VAL A 92 -15.21 17.73 14.39
N PRO A 93 -16.32 18.23 14.97
CA PRO A 93 -16.56 17.89 16.39
C PRO A 93 -16.43 16.47 16.56
N GLY A 94 -15.62 16.06 17.53
CA GLY A 94 -15.52 14.69 17.88
C GLY A 94 -14.16 14.13 17.52
N PHE A 95 -13.56 14.65 16.45
CA PHE A 95 -12.29 14.16 15.88
C PHE A 95 -11.09 14.20 16.82
N LEU A 96 -10.92 15.31 17.50
CA LEU A 96 -9.72 15.55 18.33
C LEU A 96 -9.90 14.87 19.69
N GLN A 97 -10.99 14.20 19.87
CA GLN A 97 -11.38 13.47 21.04
C GLN A 97 -11.00 11.97 20.93
N LEU A 98 -10.76 11.52 19.70
CA LEU A 98 -10.20 10.22 19.40
C LEU A 98 -8.77 10.06 19.90
N GLY A 99 -8.33 8.84 20.09
CA GLY A 99 -6.91 8.60 20.30
C GLY A 99 -6.06 9.10 19.11
N ARG A 100 -4.83 9.55 19.38
CA ARG A 100 -4.02 10.12 18.28
C ARG A 100 -3.76 9.07 17.21
N GLU A 101 -3.47 7.85 17.62
CA GLU A 101 -3.33 6.77 16.65
C GLU A 101 -4.48 6.61 15.72
N ASP A 102 -5.71 6.70 16.22
CA ASP A 102 -6.90 6.46 15.37
C ASP A 102 -7.13 7.70 14.55
N GLN A 103 -6.84 8.87 15.04
CA GLN A 103 -6.93 10.03 14.19
C GLN A 103 -6.12 9.79 12.89
N ILE A 104 -4.82 9.58 13.06
CA ILE A 104 -3.90 9.23 11.98
C ILE A 104 -4.42 8.07 11.11
N ALA A 105 -4.95 7.04 11.71
CA ALA A 105 -5.37 5.88 10.93
C ALA A 105 -6.55 6.19 10.03
N LEU A 106 -7.41 7.06 10.54
CA LEU A 106 -8.62 7.61 9.89
C LEU A 106 -8.27 8.48 8.69
N LEU A 107 -7.36 9.40 8.94
CA LEU A 107 -6.82 10.23 7.84
C LEU A 107 -6.02 9.49 6.83
N LYS A 108 -5.10 8.62 7.21
CA LYS A 108 -4.47 7.70 6.19
C LYS A 108 -5.38 7.06 5.22
N ALA A 109 -6.32 6.28 5.74
CA ALA A 109 -7.42 5.63 5.00
C ALA A 109 -8.37 6.52 4.21
N SER A 110 -8.53 7.77 4.56
CA SER A 110 -9.63 8.51 3.92
C SER A 110 -9.21 9.67 3.04
N THR A 111 -7.99 10.17 3.20
CA THR A 111 -7.38 11.19 2.32
C THR A 111 -7.68 11.14 0.82
N ILE A 112 -7.43 9.97 0.21
CA ILE A 112 -7.75 9.74 -1.19
C ILE A 112 -9.28 9.74 -1.51
N GLU A 113 -10.12 9.17 -0.65
CA GLU A 113 -11.59 9.36 -0.74
C GLU A 113 -12.01 10.80 -0.52
N ILE A 114 -11.40 11.49 0.42
CA ILE A 114 -11.73 12.93 0.63
C ILE A 114 -11.29 13.80 -0.57
N MET A 115 -10.08 13.51 -1.14
CA MET A 115 -9.60 14.13 -2.41
C MET A 115 -10.53 13.96 -3.57
N LEU A 116 -10.96 12.73 -3.77
CA LEU A 116 -11.99 12.44 -4.75
C LEU A 116 -13.28 13.21 -4.57
N LEU A 117 -13.76 13.33 -3.32
CA LEU A 117 -15.09 13.95 -3.09
C LEU A 117 -15.01 15.45 -3.34
N GLU A 118 -13.89 16.03 -2.90
CA GLU A 118 -13.56 17.44 -3.05
C GLU A 118 -13.37 17.89 -4.48
N THR A 119 -12.83 17.01 -5.29
CA THR A 119 -12.64 17.22 -6.70
C THR A 119 -14.04 17.21 -7.40
N ALA A 120 -14.90 16.23 -7.05
CA ALA A 120 -16.28 16.21 -7.51
C ALA A 120 -16.95 17.53 -7.09
N ARG A 121 -16.50 18.11 -5.98
CA ARG A 121 -17.19 19.25 -5.47
C ARG A 121 -16.82 20.45 -6.39
N ARG A 122 -15.61 20.40 -6.97
CA ARG A 122 -14.99 21.49 -7.72
C ARG A 122 -15.14 21.22 -9.25
N TYR A 123 -15.73 20.09 -9.57
CA TYR A 123 -16.01 19.80 -10.92
C TYR A 123 -17.05 20.81 -11.42
N ASN A 124 -16.76 21.44 -12.56
CA ASN A 124 -17.68 22.36 -13.20
C ASN A 124 -18.22 21.56 -14.36
N HIS A 125 -19.54 21.31 -14.40
CA HIS A 125 -20.04 20.40 -15.41
C HIS A 125 -20.12 21.02 -16.78
N GLU A 126 -20.07 22.35 -16.83
CA GLU A 126 -20.33 23.08 -18.06
C GLU A 126 -19.07 23.10 -18.86
N THR A 127 -18.04 23.74 -18.28
CA THR A 127 -16.72 23.82 -18.87
C THR A 127 -16.10 22.43 -18.89
N GLU A 128 -16.84 21.47 -18.35
CA GLU A 128 -16.35 20.10 -18.11
C GLU A 128 -14.99 20.09 -17.40
N CYS A 129 -14.69 21.12 -16.60
CA CYS A 129 -13.37 21.33 -15.90
C CYS A 129 -13.38 21.27 -14.32
N ILE A 130 -12.27 20.78 -13.73
CA ILE A 130 -12.02 20.73 -12.29
C ILE A 130 -11.16 21.89 -11.79
N THR A 131 -11.74 22.69 -10.90
CA THR A 131 -11.09 23.88 -10.34
C THR A 131 -10.36 23.56 -9.00
N PHE A 132 -9.04 23.60 -9.00
CA PHE A 132 -8.21 23.54 -7.80
C PHE A 132 -7.89 24.96 -7.35
N LEU A 133 -7.27 25.09 -6.18
CA LEU A 133 -7.25 26.33 -5.37
C LEU A 133 -8.17 27.47 -5.80
N LYS A 134 -9.51 27.33 -5.64
CA LYS A 134 -10.52 28.21 -6.37
C LYS A 134 -9.85 29.25 -7.27
N ASP A 135 -9.79 28.95 -8.56
CA ASP A 135 -9.08 29.75 -9.56
C ASP A 135 -8.51 28.89 -10.72
N PHE A 136 -7.60 27.96 -10.43
CA PHE A 136 -6.93 27.21 -11.51
C PHE A 136 -7.78 26.07 -12.05
N THR A 137 -7.95 26.01 -13.36
CA THR A 137 -8.95 25.15 -14.02
C THR A 137 -8.25 24.09 -14.86
N TYR A 138 -8.77 22.85 -14.84
CA TYR A 138 -8.02 21.69 -15.32
C TYR A 138 -8.98 20.75 -16.04
N SER A 139 -8.64 20.34 -17.26
CA SER A 139 -9.50 19.42 -17.99
C SER A 139 -8.75 18.11 -18.18
N LYS A 140 -9.48 17.06 -18.56
CA LYS A 140 -8.88 15.77 -18.82
C LYS A 140 -7.49 16.00 -19.39
N ASP A 141 -7.47 16.80 -20.44
CA ASP A 141 -6.35 16.92 -21.29
C ASP A 141 -5.19 17.39 -20.46
N ASP A 142 -5.34 18.50 -19.72
CA ASP A 142 -4.29 18.96 -18.79
C ASP A 142 -3.61 17.84 -17.96
N PHE A 143 -4.38 16.79 -17.64
CA PHE A 143 -4.01 15.71 -16.71
C PHE A 143 -3.21 14.63 -17.47
N HIS A 144 -3.70 14.29 -18.66
CA HIS A 144 -2.98 13.55 -19.69
C HIS A 144 -1.64 14.11 -20.09
N ARG A 145 -1.49 15.41 -19.95
CA ARG A 145 -0.32 16.13 -20.37
C ARG A 145 0.76 16.30 -19.32
N ALA A 146 0.42 16.00 -18.07
CA ALA A 146 1.38 15.94 -16.93
C ALA A 146 1.88 14.52 -16.85
N GLY A 147 1.38 13.75 -17.82
CA GLY A 147 1.81 12.39 -18.11
C GLY A 147 0.93 11.35 -17.47
N LEU A 148 -0.26 11.75 -17.03
CA LEU A 148 -1.04 10.96 -16.03
C LEU A 148 -1.82 9.74 -16.56
N GLN A 149 -1.92 8.72 -15.70
CA GLN A 149 -2.64 7.48 -15.97
C GLN A 149 -4.14 7.70 -16.34
N VAL A 150 -4.42 7.71 -17.67
CA VAL A 150 -5.79 7.77 -18.28
C VAL A 150 -6.82 6.79 -17.69
N GLU A 151 -6.26 5.67 -17.25
CA GLU A 151 -7.00 4.57 -16.65
C GLU A 151 -7.56 4.99 -15.27
N PHE A 152 -6.83 5.86 -14.57
CA PHE A 152 -7.34 6.57 -13.40
C PHE A 152 -7.89 8.02 -13.62
N ILE A 153 -7.83 8.62 -14.79
CA ILE A 153 -8.33 9.98 -14.88
C ILE A 153 -9.78 9.90 -15.31
N ASN A 154 -10.08 8.82 -16.00
CA ASN A 154 -11.40 8.64 -16.47
C ASN A 154 -12.37 8.33 -15.33
N PRO A 155 -12.03 7.37 -14.44
CA PRO A 155 -12.76 7.13 -13.20
C PRO A 155 -13.00 8.39 -12.37
N ILE A 156 -11.98 9.21 -12.23
CA ILE A 156 -12.11 10.44 -11.53
C ILE A 156 -13.27 11.16 -12.15
N PHE A 157 -13.22 11.35 -13.48
CA PHE A 157 -14.18 12.19 -14.20
C PHE A 157 -15.57 11.59 -14.22
N GLU A 158 -15.60 10.28 -14.27
CA GLU A 158 -16.78 9.44 -14.27
C GLU A 158 -17.48 9.74 -12.95
N PHE A 159 -16.71 9.70 -11.82
CA PHE A 159 -17.18 9.98 -10.45
C PHE A 159 -17.74 11.38 -10.32
N SER A 160 -16.99 12.37 -10.78
CA SER A 160 -17.47 13.79 -10.75
C SER A 160 -18.83 14.10 -11.40
N ARG A 161 -19.06 13.44 -12.54
CA ARG A 161 -20.30 13.57 -13.28
C ARG A 161 -21.47 12.87 -12.62
N ALA A 162 -21.19 11.77 -11.91
CA ALA A 162 -22.24 11.05 -11.20
C ALA A 162 -22.71 11.78 -9.92
N MET A 163 -21.77 12.48 -9.31
CA MET A 163 -21.95 13.34 -8.17
C MET A 163 -22.74 14.61 -8.52
N ARG A 164 -22.43 15.18 -9.70
CA ARG A 164 -23.17 16.30 -10.34
C ARG A 164 -24.67 16.08 -10.43
N ARG A 165 -25.08 14.92 -10.94
CA ARG A 165 -26.49 14.52 -11.02
C ARG A 165 -27.18 14.78 -9.68
N LEU A 166 -26.65 14.16 -8.63
CA LEU A 166 -27.00 14.40 -7.20
C LEU A 166 -27.21 15.88 -6.69
N GLY A 167 -26.50 16.85 -7.21
CA GLY A 167 -26.89 18.22 -6.82
C GLY A 167 -26.58 18.55 -5.37
N LEU A 168 -25.53 17.95 -4.85
CA LEU A 168 -25.08 18.23 -3.50
C LEU A 168 -24.85 19.73 -3.26
N ASP A 169 -25.00 20.20 -2.03
CA ASP A 169 -24.49 21.52 -1.77
C ASP A 169 -23.29 21.38 -0.90
N ASP A 170 -22.78 22.49 -0.42
CA ASP A 170 -21.61 22.49 0.44
C ASP A 170 -21.80 21.88 1.82
N ALA A 171 -23.00 21.93 2.36
CA ALA A 171 -23.28 21.28 3.64
C ALA A 171 -23.28 19.78 3.50
N GLU A 172 -24.03 19.26 2.53
CA GLU A 172 -23.97 17.89 2.06
C GLU A 172 -22.55 17.29 1.84
N TYR A 173 -21.64 17.99 1.15
CA TYR A 173 -20.24 17.51 1.00
C TYR A 173 -19.51 17.60 2.36
N ALA A 174 -19.79 18.65 3.13
CA ALA A 174 -19.06 18.79 4.36
C ALA A 174 -19.41 17.55 5.22
N LEU A 175 -20.68 17.32 5.31
CA LEU A 175 -21.30 16.22 6.05
C LEU A 175 -20.92 14.86 5.52
N LEU A 176 -21.00 14.68 4.21
CA LEU A 176 -20.49 13.44 3.60
C LEU A 176 -19.01 13.18 3.91
N ILE A 177 -18.14 14.17 3.83
CA ILE A 177 -16.72 14.07 4.25
C ILE A 177 -16.56 13.54 5.73
N ALA A 178 -17.22 14.20 6.69
CA ALA A 178 -17.17 13.81 8.12
C ALA A 178 -17.63 12.44 8.38
N ILE A 179 -18.66 12.04 7.67
CA ILE A 179 -19.13 10.65 7.76
C ILE A 179 -18.06 9.68 7.28
N ASN A 180 -17.41 10.12 6.19
CA ASN A 180 -16.30 9.43 5.60
C ASN A 180 -15.09 9.39 6.50
N ILE A 181 -14.76 10.48 7.19
CA ILE A 181 -13.72 10.39 8.25
C ILE A 181 -13.97 9.39 9.34
N PHE A 182 -15.19 9.19 9.72
CA PHE A 182 -15.49 8.31 10.88
C PHE A 182 -15.93 6.89 10.52
N SER A 183 -15.10 6.19 9.72
CA SER A 183 -15.35 4.83 9.30
C SER A 183 -14.65 3.83 10.19
N ALA A 184 -15.44 3.05 10.96
CA ALA A 184 -14.87 2.24 12.05
C ALA A 184 -14.03 1.11 11.49
N ASP A 185 -14.29 0.81 10.20
CA ASP A 185 -13.67 -0.32 9.48
C ASP A 185 -12.32 -0.09 8.75
N ARG A 186 -11.64 1.02 9.01
CA ARG A 186 -10.35 1.29 8.36
C ARG A 186 -9.26 0.52 9.05
N PRO A 187 -8.14 0.21 8.35
CA PRO A 187 -7.12 -0.56 9.05
C PRO A 187 -6.53 0.20 10.26
N ASN A 188 -6.23 -0.52 11.34
CA ASN A 188 -5.50 0.07 12.53
C ASN A 188 -6.31 0.98 13.46
N VAL A 189 -7.63 0.79 13.39
CA VAL A 189 -8.52 1.48 14.29
C VAL A 189 -8.58 0.62 15.55
N GLN A 190 -8.30 1.25 16.66
CA GLN A 190 -8.13 0.56 17.90
C GLN A 190 -9.42 0.68 18.72
N GLU A 191 -10.19 1.75 18.46
CA GLU A 191 -11.50 2.03 19.06
C GLU A 191 -12.64 2.25 18.04
N PRO A 192 -12.92 1.23 17.23
CA PRO A 192 -13.92 1.29 16.19
C PRO A 192 -15.31 1.68 16.68
N GLY A 193 -15.65 1.28 17.90
CA GLY A 193 -17.01 1.48 18.45
C GLY A 193 -17.20 2.95 18.74
N ARG A 194 -16.16 3.59 19.25
CA ARG A 194 -16.10 5.05 19.35
C ARG A 194 -16.07 5.78 18.06
N VAL A 195 -15.46 5.22 17.04
CA VAL A 195 -15.42 5.91 15.73
C VAL A 195 -16.80 5.90 15.18
N GLU A 196 -17.39 4.74 15.22
CA GLU A 196 -18.79 4.50 14.89
C GLU A 196 -19.82 5.27 15.65
N ALA A 197 -19.70 5.43 16.95
CA ALA A 197 -20.55 6.41 17.64
C ALA A 197 -20.36 7.84 17.19
N LEU A 198 -19.15 8.30 16.86
CA LEU A 198 -18.96 9.70 16.39
C LEU A 198 -19.42 10.02 14.99
N GLN A 199 -19.56 8.98 14.16
CA GLN A 199 -20.12 9.06 12.88
C GLN A 199 -21.61 9.41 12.85
N GLN A 200 -22.37 8.77 13.77
CA GLN A 200 -23.80 8.92 13.86
C GLN A 200 -24.34 10.39 13.85
N PRO A 201 -23.78 11.28 14.64
CA PRO A 201 -24.19 12.70 14.56
C PRO A 201 -24.27 13.25 13.13
N TYR A 202 -23.32 12.81 12.29
CA TYR A 202 -23.21 13.45 10.95
C TYR A 202 -24.18 12.68 9.98
N VAL A 203 -24.39 11.37 10.20
CA VAL A 203 -25.49 10.64 9.55
C VAL A 203 -26.93 11.20 9.84
N GLU A 204 -27.29 11.44 11.12
CA GLU A 204 -28.53 12.17 11.48
C GLU A 204 -28.68 13.50 10.87
N ALA A 205 -27.64 14.30 10.84
CA ALA A 205 -27.73 15.66 10.33
C ALA A 205 -27.88 15.65 8.84
N LEU A 206 -27.11 14.79 8.15
CA LEU A 206 -27.36 14.57 6.71
C LEU A 206 -28.76 14.05 6.43
N LEU A 207 -29.20 13.10 7.17
CA LEU A 207 -30.58 12.65 7.08
C LEU A 207 -31.61 13.76 7.20
N SER A 208 -31.47 14.69 8.14
CA SER A 208 -32.45 15.79 8.30
C SER A 208 -32.27 16.85 7.28
N TYR A 209 -31.03 17.10 6.92
CA TYR A 209 -30.80 18.12 5.93
C TYR A 209 -31.39 17.79 4.57
N THR A 210 -31.24 16.54 4.13
CA THR A 210 -31.82 16.07 2.88
C THR A 210 -33.36 15.95 2.85
N ARG A 211 -33.99 15.52 3.96
CA ARG A 211 -35.44 15.58 4.22
C ARG A 211 -36.06 16.95 4.19
N ILE A 212 -35.33 18.01 4.53
CA ILE A 212 -35.80 19.39 4.43
C ILE A 212 -35.56 19.99 3.05
N LYS A 213 -34.48 19.53 2.41
CA LYS A 213 -34.02 20.06 1.18
C LYS A 213 -34.85 19.53 0.03
N ARG A 214 -35.03 18.20 -0.02
CA ARG A 214 -35.88 17.60 -1.03
C ARG A 214 -36.81 16.67 -0.30
N PRO A 215 -37.89 17.22 0.27
CA PRO A 215 -38.84 16.36 0.99
C PRO A 215 -39.70 15.38 0.12
N GLN A 216 -39.82 15.64 -1.19
CA GLN A 216 -40.64 14.75 -2.06
C GLN A 216 -39.80 13.57 -2.63
N ASP A 217 -38.48 13.66 -2.53
CA ASP A 217 -37.58 12.60 -2.99
C ASP A 217 -37.56 11.45 -1.95
N GLN A 218 -36.45 11.32 -1.20
CA GLN A 218 -36.33 10.37 -0.08
C GLN A 218 -35.30 9.27 -0.40
N LEU A 219 -34.92 9.22 -1.68
CA LEU A 219 -33.85 8.38 -2.13
C LEU A 219 -32.57 9.13 -2.31
N ARG A 220 -32.59 10.45 -2.27
CA ARG A 220 -31.34 11.22 -2.35
C ARG A 220 -30.32 10.99 -1.19
N PHE A 221 -30.80 11.01 0.03
CA PHE A 221 -30.05 10.42 1.12
C PHE A 221 -29.35 9.04 0.82
N PRO A 222 -30.09 7.94 0.64
CA PRO A 222 -29.43 6.66 0.35
C PRO A 222 -28.52 6.67 -0.90
N ARG A 223 -28.82 7.49 -1.89
CA ARG A 223 -27.98 7.60 -3.08
C ARG A 223 -26.63 8.28 -2.78
N MET A 224 -26.62 9.27 -1.87
CA MET A 224 -25.42 9.93 -1.48
C MET A 224 -24.50 8.98 -0.81
N LEU A 225 -25.08 8.21 0.10
CA LEU A 225 -24.33 7.28 0.92
C LEU A 225 -23.78 6.15 0.08
N MET A 226 -24.37 5.96 -1.11
CA MET A 226 -24.08 4.81 -1.99
C MET A 226 -22.85 5.15 -2.80
N LYS A 227 -22.56 6.44 -2.87
CA LYS A 227 -21.40 6.96 -3.50
C LYS A 227 -20.22 6.76 -2.66
N LEU A 228 -20.42 6.51 -1.36
CA LEU A 228 -19.34 6.21 -0.43
C LEU A 228 -18.89 4.82 -0.76
N VAL A 229 -19.82 4.03 -1.28
CA VAL A 229 -19.55 2.60 -1.71
C VAL A 229 -18.65 2.55 -2.93
N SER A 230 -18.96 3.33 -3.95
CA SER A 230 -18.21 3.30 -5.18
C SER A 230 -16.95 4.08 -4.95
N LEU A 231 -17.06 5.10 -4.14
CA LEU A 231 -15.86 5.77 -3.66
C LEU A 231 -14.79 4.90 -2.95
N ARG A 232 -15.18 3.82 -2.31
CA ARG A 232 -14.23 2.94 -1.70
C ARG A 232 -13.52 2.06 -2.70
N THR A 233 -14.25 1.58 -3.72
CA THR A 233 -13.67 0.92 -4.88
C THR A 233 -12.72 1.77 -5.74
N LEU A 234 -13.07 3.00 -6.06
CA LEU A 234 -12.13 3.93 -6.69
C LEU A 234 -10.84 4.03 -5.93
N SER A 235 -10.97 4.30 -4.64
CA SER A 235 -9.83 4.45 -3.79
C SER A 235 -8.98 3.22 -3.84
N SER A 236 -9.55 2.05 -3.59
CA SER A 236 -8.69 0.83 -3.59
C SER A 236 -7.86 0.60 -4.91
N VAL A 237 -8.34 1.08 -6.05
CA VAL A 237 -7.60 1.09 -7.33
C VAL A 237 -6.29 1.94 -7.37
N HIS A 238 -6.29 3.11 -6.70
CA HIS A 238 -5.08 3.89 -6.70
C HIS A 238 -3.94 3.09 -6.08
N SER A 239 -4.24 2.43 -4.93
CA SER A 239 -3.31 1.69 -4.04
C SER A 239 -3.11 0.16 -4.25
N GLU A 240 -3.87 -0.43 -5.18
CA GLU A 240 -3.59 -1.76 -5.73
C GLU A 240 -2.09 -2.23 -5.86
N GLN A 241 -1.83 -3.38 -5.25
CA GLN A 241 -0.52 -4.01 -5.20
C GLN A 241 -0.20 -4.81 -6.46
N VAL A 242 1.03 -4.69 -6.93
CA VAL A 242 1.42 -5.41 -8.17
C VAL A 242 1.21 -6.91 -8.14
N PHE A 243 0.92 -7.43 -6.95
CA PHE A 243 0.82 -8.87 -6.69
C PHE A 243 -0.63 -9.26 -6.55
N ALA A 244 -1.50 -8.28 -6.73
CA ALA A 244 -2.92 -8.45 -6.54
C ALA A 244 -3.57 -7.49 -7.52
N LEU A 245 -3.15 -7.56 -8.78
CA LEU A 245 -3.73 -6.76 -9.89
C LEU A 245 -4.83 -7.63 -10.45
N ARG A 246 -5.96 -7.04 -10.81
CA ARG A 246 -7.10 -7.86 -11.28
C ARG A 246 -7.49 -7.55 -12.75
N LEU A 247 -8.63 -6.84 -12.90
CA LEU A 247 -9.25 -6.50 -14.22
C LEU A 247 -9.22 -7.56 -15.36
N GLN A 248 -10.35 -8.27 -15.50
CA GLN A 248 -10.46 -9.32 -16.51
C GLN A 248 -10.73 -8.82 -17.96
N ASP A 249 -11.38 -7.64 -18.05
CA ASP A 249 -11.82 -7.02 -19.30
C ASP A 249 -12.98 -7.76 -19.98
N LYS A 250 -13.66 -7.06 -20.88
CA LYS A 250 -14.74 -7.57 -21.73
C LYS A 250 -15.03 -9.07 -21.59
N LYS A 251 -14.12 -9.90 -22.10
CA LYS A 251 -14.33 -11.36 -22.19
C LYS A 251 -14.98 -11.95 -20.96
N LEU A 252 -16.02 -12.76 -21.19
CA LEU A 252 -16.82 -13.36 -20.10
C LEU A 252 -16.08 -14.50 -19.40
N PRO A 253 -16.31 -14.67 -18.07
CA PRO A 253 -15.77 -15.89 -17.46
C PRO A 253 -16.55 -17.12 -17.97
N PRO A 254 -15.87 -17.99 -18.75
CA PRO A 254 -16.45 -19.20 -19.36
C PRO A 254 -17.16 -20.13 -18.37
N LEU A 255 -16.51 -20.33 -17.22
CA LEU A 255 -16.95 -21.27 -16.19
C LEU A 255 -18.17 -20.75 -15.42
N LEU A 256 -18.17 -19.46 -15.02
CA LEU A 256 -19.40 -18.74 -14.58
C LEU A 256 -20.53 -18.67 -15.62
N SER A 257 -20.23 -18.32 -16.88
CA SER A 257 -21.21 -18.45 -17.97
C SER A 257 -21.79 -19.87 -18.07
N GLU A 258 -20.94 -20.90 -18.11
CA GLU A 258 -21.42 -22.28 -17.99
C GLU A 258 -22.49 -22.49 -16.91
N ILE A 259 -22.15 -22.09 -15.68
CA ILE A 259 -23.08 -22.16 -14.54
C ILE A 259 -24.39 -21.40 -14.84
N TRP A 260 -24.29 -20.35 -15.65
CA TRP A 260 -25.40 -19.45 -15.89
C TRP A 260 -26.60 -20.08 -16.60
N ASP A 261 -26.38 -20.74 -17.74
CA ASP A 261 -27.37 -21.71 -18.26
C ASP A 261 -26.73 -22.92 -18.94
N GLN B 22 -46.11 2.23 6.35
CA GLN B 22 -47.03 1.27 5.62
C GLN B 22 -46.42 0.67 4.29
N LEU B 23 -45.83 -0.54 4.33
CA LEU B 23 -45.16 -1.15 3.12
C LEU B 23 -46.22 -1.35 2.03
N THR B 24 -45.99 -0.86 0.79
CA THR B 24 -47.04 -1.06 -0.22
C THR B 24 -47.25 -2.51 -0.56
N ALA B 25 -48.32 -2.79 -1.34
CA ALA B 25 -48.62 -4.16 -1.70
C ALA B 25 -47.57 -4.66 -2.71
N ALA B 26 -47.23 -3.80 -3.66
CA ALA B 26 -46.19 -3.98 -4.63
C ALA B 26 -44.81 -4.28 -3.99
N GLN B 27 -44.54 -3.80 -2.77
CA GLN B 27 -43.21 -3.99 -2.21
C GLN B 27 -43.21 -5.25 -1.41
N GLU B 28 -44.27 -5.42 -0.66
CA GLU B 28 -44.46 -6.66 0.03
C GLU B 28 -44.18 -7.87 -0.83
N LEU B 29 -44.61 -7.80 -2.07
CA LEU B 29 -44.61 -8.89 -2.97
C LEU B 29 -43.22 -9.11 -3.55
N MET B 30 -42.52 -8.04 -3.92
CA MET B 30 -41.12 -8.00 -4.20
C MET B 30 -40.32 -8.72 -3.08
N ILE B 31 -40.68 -8.43 -1.85
CA ILE B 31 -40.04 -8.96 -0.67
C ILE B 31 -40.32 -10.45 -0.46
N GLN B 32 -41.60 -10.86 -0.46
CA GLN B 32 -42.00 -12.28 -0.49
C GLN B 32 -41.22 -13.14 -1.51
N GLN B 33 -40.98 -12.55 -2.68
CA GLN B 33 -40.25 -13.13 -3.80
C GLN B 33 -38.78 -13.34 -3.47
N LEU B 34 -38.22 -12.39 -2.74
CA LEU B 34 -36.84 -12.43 -2.24
C LEU B 34 -36.74 -13.48 -1.18
N VAL B 35 -37.58 -13.40 -0.18
CA VAL B 35 -37.48 -14.34 0.88
C VAL B 35 -37.75 -15.73 0.34
N ALA B 36 -38.75 -15.89 -0.53
CA ALA B 36 -39.00 -17.22 -1.07
C ALA B 36 -37.81 -17.76 -1.82
N ALA B 37 -37.12 -16.98 -2.63
CA ALA B 37 -35.92 -17.45 -3.40
C ALA B 37 -34.70 -17.66 -2.50
N GLN B 38 -34.45 -16.74 -1.60
CA GLN B 38 -33.55 -17.06 -0.56
C GLN B 38 -33.79 -18.50 0.00
N LEU B 39 -35.03 -18.87 0.31
CA LEU B 39 -35.35 -20.19 0.83
C LEU B 39 -35.25 -21.35 -0.21
N GLN B 40 -35.71 -21.15 -1.45
CA GLN B 40 -35.55 -22.23 -2.42
C GLN B 40 -34.07 -22.53 -2.61
N CYS B 41 -33.27 -21.49 -2.79
CA CYS B 41 -31.78 -21.54 -2.69
C CYS B 41 -31.11 -22.61 -1.83
N ASN B 42 -31.47 -22.53 -0.56
CA ASN B 42 -30.80 -23.18 0.51
C ASN B 42 -31.31 -24.55 0.52
N LYS B 43 -32.63 -24.68 0.46
CA LYS B 43 -33.28 -25.94 0.61
C LYS B 43 -32.70 -26.91 -0.38
N ARG B 44 -32.23 -26.40 -1.52
CA ARG B 44 -31.74 -27.25 -2.61
C ARG B 44 -30.73 -28.35 -2.17
N SER B 45 -29.76 -27.90 -1.39
CA SER B 45 -28.61 -28.70 -1.00
C SER B 45 -28.62 -29.02 0.52
N PHE B 46 -28.97 -30.27 0.84
CA PHE B 46 -28.62 -30.86 2.13
C PHE B 46 -28.39 -32.36 1.93
N PRO B 50 -23.60 -35.27 3.30
CA PRO B 50 -23.43 -34.67 1.96
C PRO B 50 -22.18 -35.18 1.21
N LYS B 51 -22.03 -34.73 -0.04
CA LYS B 51 -20.86 -35.07 -0.87
C LYS B 51 -19.59 -34.21 -0.70
N VAL B 52 -19.65 -33.29 0.25
CA VAL B 52 -18.50 -32.44 0.53
C VAL B 52 -17.50 -33.27 1.31
N THR B 53 -16.26 -33.24 0.84
CA THR B 53 -15.19 -34.02 1.40
C THR B 53 -15.07 -33.73 2.90
N PRO B 54 -15.12 -34.81 3.72
CA PRO B 54 -15.44 -34.79 5.16
C PRO B 54 -14.40 -34.08 6.02
N TRP B 55 -14.89 -33.34 7.01
CA TRP B 55 -14.04 -32.66 7.99
C TRP B 55 -13.38 -33.72 8.88
N PRO B 56 -12.09 -33.49 9.31
CA PRO B 56 -11.35 -34.34 10.25
C PRO B 56 -11.56 -33.97 11.72
N ARG B 64 -0.87 -31.70 8.27
CA ARG B 64 -0.74 -31.42 6.83
C ARG B 64 -1.95 -31.95 6.09
N ASP B 65 -2.05 -33.27 6.00
CA ASP B 65 -3.23 -33.92 5.46
C ASP B 65 -4.49 -33.24 6.07
N ALA B 66 -4.46 -33.08 7.41
CA ALA B 66 -5.42 -32.31 8.25
C ALA B 66 -5.81 -30.91 7.70
N ARG B 67 -4.85 -29.99 7.65
CA ARG B 67 -4.99 -28.69 6.97
C ARG B 67 -5.60 -28.82 5.58
N GLN B 68 -5.07 -29.72 4.76
CA GLN B 68 -5.39 -29.77 3.33
C GLN B 68 -6.83 -30.26 3.12
N GLN B 69 -7.32 -31.12 3.99
CA GLN B 69 -8.62 -31.69 3.83
C GLN B 69 -9.65 -30.65 4.28
N ARG B 70 -9.27 -29.78 5.22
CA ARG B 70 -10.09 -28.66 5.72
C ARG B 70 -10.30 -27.58 4.69
N PHE B 71 -9.23 -27.21 4.02
CA PHE B 71 -9.30 -26.20 3.02
C PHE B 71 -9.99 -26.80 1.81
N ALA B 72 -9.74 -28.06 1.50
CA ALA B 72 -10.52 -28.72 0.44
C ALA B 72 -12.07 -28.71 0.71
N HIS B 73 -12.44 -28.90 1.96
CA HIS B 73 -13.83 -28.82 2.42
C HIS B 73 -14.40 -27.43 2.15
N PHE B 74 -13.71 -26.40 2.63
CA PHE B 74 -14.14 -25.04 2.43
C PHE B 74 -14.18 -24.66 0.95
N THR B 75 -13.24 -25.18 0.21
CA THR B 75 -13.19 -25.01 -1.22
C THR B 75 -14.47 -25.54 -1.92
N GLU B 76 -15.10 -26.53 -1.26
CA GLU B 76 -16.21 -27.25 -1.78
C GLU B 76 -17.48 -26.50 -1.44
N LEU B 77 -17.58 -26.09 -0.19
CA LEU B 77 -18.50 -25.10 0.32
C LEU B 77 -18.55 -23.78 -0.50
N ALA B 78 -17.43 -23.35 -1.04
CA ALA B 78 -17.47 -22.11 -1.78
C ALA B 78 -18.13 -22.36 -3.15
N ILE B 79 -17.90 -23.54 -3.73
CA ILE B 79 -18.44 -23.93 -5.00
C ILE B 79 -19.95 -24.11 -4.93
N ILE B 80 -20.46 -24.81 -3.94
CA ILE B 80 -21.90 -24.84 -3.73
C ILE B 80 -22.55 -23.43 -3.66
N SER B 81 -21.88 -22.51 -2.98
CA SER B 81 -22.36 -21.20 -2.64
C SER B 81 -22.53 -20.42 -3.87
N VAL B 82 -21.55 -20.53 -4.78
CA VAL B 82 -21.71 -20.02 -6.13
C VAL B 82 -23.01 -20.52 -6.81
N GLN B 83 -23.30 -21.82 -6.77
CA GLN B 83 -24.53 -22.33 -7.41
C GLN B 83 -25.73 -21.66 -6.79
N GLU B 84 -25.73 -21.56 -5.47
CA GLU B 84 -26.81 -20.94 -4.70
C GLU B 84 -27.05 -19.47 -4.99
N ILE B 85 -25.98 -18.77 -5.34
CA ILE B 85 -26.00 -17.34 -5.56
C ILE B 85 -26.54 -17.07 -6.93
N VAL B 86 -26.21 -17.98 -7.84
CA VAL B 86 -26.66 -17.91 -9.21
C VAL B 86 -28.14 -18.24 -9.27
N ASP B 87 -28.57 -19.21 -8.47
CA ASP B 87 -29.93 -19.66 -8.34
C ASP B 87 -30.77 -18.56 -7.68
N PHE B 88 -30.17 -17.90 -6.69
CA PHE B 88 -30.87 -16.86 -6.01
C PHE B 88 -31.09 -15.69 -6.97
N ALA B 89 -30.02 -15.12 -7.55
CA ALA B 89 -30.03 -13.89 -8.40
C ALA B 89 -30.94 -14.05 -9.61
N LYS B 90 -30.98 -15.26 -10.16
CA LYS B 90 -32.00 -15.60 -11.15
C LYS B 90 -33.47 -15.28 -10.69
N GLN B 91 -33.82 -15.74 -9.48
CA GLN B 91 -35.05 -15.46 -8.89
C GLN B 91 -35.20 -14.04 -8.35
N VAL B 92 -34.21 -13.12 -8.53
CA VAL B 92 -34.46 -11.74 -8.06
C VAL B 92 -35.15 -10.91 -9.06
N PRO B 93 -36.34 -10.32 -8.71
CA PRO B 93 -37.13 -9.59 -9.65
C PRO B 93 -36.33 -8.63 -10.45
N GLY B 94 -36.34 -8.78 -11.78
CA GLY B 94 -35.65 -7.82 -12.60
C GLY B 94 -34.31 -8.32 -13.08
N PHE B 95 -33.70 -9.26 -12.39
CA PHE B 95 -32.38 -9.72 -12.78
C PHE B 95 -32.37 -10.33 -14.22
N LEU B 96 -33.23 -11.34 -14.45
CA LEU B 96 -33.37 -12.01 -15.76
C LEU B 96 -33.69 -11.04 -16.88
N GLN B 97 -34.06 -9.81 -16.54
CA GLN B 97 -34.38 -8.81 -17.54
C GLN B 97 -33.15 -8.09 -18.07
N LEU B 98 -32.06 -8.03 -17.33
CA LEU B 98 -30.77 -7.52 -17.89
C LEU B 98 -30.18 -8.40 -18.99
N GLY B 99 -29.27 -7.87 -19.79
CA GLY B 99 -28.58 -8.76 -20.74
C GLY B 99 -27.69 -9.77 -20.03
N ARG B 100 -27.44 -10.90 -20.68
CA ARG B 100 -26.51 -11.95 -20.14
C ARG B 100 -25.13 -11.43 -19.71
N GLU B 101 -24.48 -10.66 -20.58
CA GLU B 101 -23.14 -10.12 -20.40
C GLU B 101 -23.11 -9.46 -19.06
N ASP B 102 -24.14 -8.60 -18.85
CA ASP B 102 -24.30 -7.74 -17.65
C ASP B 102 -24.66 -8.58 -16.41
N GLN B 103 -25.67 -9.38 -16.53
CA GLN B 103 -25.92 -10.44 -15.60
C GLN B 103 -24.69 -11.16 -15.05
N ILE B 104 -23.85 -11.67 -15.98
CA ILE B 104 -22.57 -12.31 -15.60
C ILE B 104 -21.62 -11.29 -14.93
N ALA B 105 -21.35 -10.18 -15.56
CA ALA B 105 -20.48 -9.22 -15.00
C ALA B 105 -20.92 -8.98 -13.55
N LEU B 106 -22.21 -8.76 -13.29
CA LEU B 106 -22.70 -8.35 -11.99
C LEU B 106 -22.40 -9.40 -10.91
N LEU B 107 -22.61 -10.64 -11.30
CA LEU B 107 -22.40 -11.81 -10.50
C LEU B 107 -20.92 -12.05 -10.15
N LYS B 108 -20.06 -11.78 -11.12
CA LYS B 108 -18.69 -12.13 -10.95
C LYS B 108 -18.23 -11.24 -9.83
N ALA B 109 -18.54 -9.93 -9.98
CA ALA B 109 -18.17 -8.89 -9.02
C ALA B 109 -18.86 -8.94 -7.68
N SER B 110 -20.03 -9.61 -7.53
CA SER B 110 -20.69 -9.58 -6.21
C SER B 110 -20.55 -10.87 -5.48
N THR B 111 -20.18 -11.91 -6.18
CA THR B 111 -20.12 -13.25 -5.58
C THR B 111 -19.46 -13.22 -4.20
N ILE B 112 -18.30 -12.59 -4.14
CA ILE B 112 -17.58 -12.47 -2.93
C ILE B 112 -18.32 -11.64 -1.86
N GLU B 113 -18.94 -10.54 -2.24
CA GLU B 113 -19.68 -9.78 -1.23
C GLU B 113 -20.95 -10.57 -0.74
N ILE B 114 -21.57 -11.35 -1.62
CA ILE B 114 -22.75 -12.01 -1.25
C ILE B 114 -22.33 -13.07 -0.28
N MET B 115 -21.29 -13.83 -0.59
CA MET B 115 -20.71 -14.81 0.31
C MET B 115 -20.37 -14.25 1.67
N LEU B 116 -19.77 -13.09 1.74
CA LEU B 116 -19.65 -12.45 3.07
C LEU B 116 -20.97 -12.07 3.72
N LEU B 117 -21.88 -11.50 2.98
CA LEU B 117 -23.18 -11.23 3.56
C LEU B 117 -23.93 -12.53 4.10
N GLU B 118 -23.82 -13.64 3.43
CA GLU B 118 -24.47 -14.85 3.85
C GLU B 118 -23.80 -15.61 5.00
N THR B 119 -22.46 -15.48 5.10
CA THR B 119 -21.64 -15.88 6.24
C THR B 119 -22.08 -15.10 7.50
N ALA B 120 -22.19 -13.77 7.41
CA ALA B 120 -22.77 -12.89 8.46
C ALA B 120 -24.09 -13.33 9.03
N ARG B 121 -25.01 -13.62 8.12
CA ARG B 121 -26.35 -14.09 8.43
C ARG B 121 -26.30 -15.45 9.15
N ARG B 122 -25.32 -16.29 8.82
CA ARG B 122 -25.18 -17.64 9.36
C ARG B 122 -24.34 -17.57 10.62
N TYR B 123 -24.04 -16.34 11.03
CA TYR B 123 -23.21 -16.18 12.19
C TYR B 123 -24.01 -16.15 13.48
N ASN B 124 -23.64 -17.06 14.40
CA ASN B 124 -24.20 -17.07 15.72
C ASN B 124 -23.26 -16.51 16.79
N HIS B 125 -23.74 -15.44 17.44
CA HIS B 125 -22.87 -14.73 18.38
C HIS B 125 -22.78 -15.25 19.79
N GLU B 126 -23.68 -16.16 20.16
CA GLU B 126 -23.45 -16.90 21.39
C GLU B 126 -22.33 -17.94 21.23
N THR B 127 -22.45 -18.84 20.27
CA THR B 127 -21.37 -19.83 20.06
C THR B 127 -20.20 -19.28 19.27
N GLU B 128 -20.38 -18.04 18.77
CA GLU B 128 -19.43 -17.39 17.83
C GLU B 128 -19.01 -18.29 16.64
N CYS B 129 -20.01 -18.94 16.07
CA CYS B 129 -19.83 -19.85 14.95
C CYS B 129 -20.63 -19.45 13.73
N ILE B 130 -20.08 -19.85 12.61
CA ILE B 130 -20.73 -19.80 11.33
C ILE B 130 -21.26 -21.18 10.91
N THR B 131 -22.54 -21.19 10.55
CA THR B 131 -23.29 -22.37 10.13
C THR B 131 -23.32 -22.40 8.61
N PHE B 132 -22.54 -23.28 7.98
CA PHE B 132 -22.66 -23.47 6.58
C PHE B 132 -23.57 -24.67 6.28
N LEU B 133 -24.07 -24.74 5.05
CA LEU B 133 -25.06 -25.73 4.64
C LEU B 133 -26.28 -25.68 5.53
N LYS B 134 -26.64 -26.80 6.14
CA LYS B 134 -27.56 -26.79 7.24
C LYS B 134 -26.73 -27.42 8.34
N ASP B 135 -26.85 -26.88 9.55
CA ASP B 135 -26.14 -27.41 10.73
C ASP B 135 -24.62 -27.61 10.74
N PHE B 136 -23.89 -27.37 9.63
CA PHE B 136 -22.39 -27.38 9.74
C PHE B 136 -21.86 -26.11 10.40
N THR B 137 -21.09 -26.34 11.43
CA THR B 137 -20.78 -25.38 12.47
C THR B 137 -19.28 -25.15 12.43
N TYR B 138 -18.85 -23.88 12.31
CA TYR B 138 -17.43 -23.53 12.21
C TYR B 138 -17.10 -22.34 13.09
N SER B 139 -15.94 -22.41 13.74
CA SER B 139 -15.48 -21.36 14.66
C SER B 139 -14.29 -20.67 14.02
N LYS B 140 -13.87 -19.53 14.59
CA LYS B 140 -12.70 -18.85 14.03
C LYS B 140 -11.50 -19.78 13.80
N ASP B 141 -11.31 -20.73 14.70
CA ASP B 141 -10.15 -21.63 14.71
C ASP B 141 -10.24 -22.76 13.70
N ASP B 142 -11.45 -23.20 13.41
CA ASP B 142 -11.71 -24.08 12.24
C ASP B 142 -11.12 -23.53 10.96
N PHE B 143 -11.37 -22.25 10.70
CA PHE B 143 -10.87 -21.55 9.48
C PHE B 143 -9.38 -21.32 9.47
N HIS B 144 -8.85 -20.88 10.61
CA HIS B 144 -7.42 -20.69 10.79
C HIS B 144 -6.68 -22.01 10.77
N ARG B 145 -7.36 -23.09 11.14
CA ARG B 145 -6.77 -24.45 11.04
C ARG B 145 -6.80 -25.04 9.59
N ALA B 146 -7.51 -24.37 8.68
CA ALA B 146 -7.54 -24.72 7.26
C ALA B 146 -6.39 -24.04 6.49
N GLY B 147 -5.60 -23.21 7.20
CA GLY B 147 -4.46 -22.50 6.53
C GLY B 147 -4.82 -21.11 6.02
N LEU B 148 -5.99 -20.65 6.39
CA LEU B 148 -6.46 -19.41 5.91
C LEU B 148 -5.91 -18.33 6.81
N GLN B 149 -5.78 -17.10 6.38
CA GLN B 149 -4.96 -16.20 7.19
C GLN B 149 -5.75 -15.20 8.00
N VAL B 150 -5.27 -14.90 9.21
CA VAL B 150 -5.80 -13.87 10.06
C VAL B 150 -6.24 -12.60 9.32
N GLU B 151 -5.35 -12.05 8.48
CA GLU B 151 -5.59 -10.85 7.67
C GLU B 151 -6.97 -10.87 6.96
N PHE B 152 -7.45 -12.07 6.63
CA PHE B 152 -8.78 -12.20 6.01
C PHE B 152 -9.87 -12.69 6.92
N ILE B 153 -9.60 -13.78 7.60
CA ILE B 153 -10.58 -14.41 8.49
C ILE B 153 -11.08 -13.53 9.65
N ASN B 154 -10.23 -12.67 10.19
CA ASN B 154 -10.64 -11.88 11.31
C ASN B 154 -11.66 -10.81 10.96
N PRO B 155 -11.37 -10.01 9.90
CA PRO B 155 -12.28 -9.06 9.28
C PRO B 155 -13.68 -9.60 8.91
N ILE B 156 -13.72 -10.87 8.52
CA ILE B 156 -14.94 -11.57 8.32
C ILE B 156 -15.74 -11.70 9.56
N PHE B 157 -15.13 -12.36 10.56
CA PHE B 157 -15.69 -12.34 11.92
C PHE B 157 -15.90 -10.98 12.56
N GLU B 158 -15.06 -9.98 12.33
CA GLU B 158 -15.43 -8.59 12.76
C GLU B 158 -16.71 -8.07 12.06
N PHE B 159 -16.78 -8.37 10.75
CA PHE B 159 -17.86 -7.89 9.90
C PHE B 159 -19.18 -8.64 10.30
N SER B 160 -19.06 -9.98 10.45
CA SER B 160 -20.13 -10.83 10.95
C SER B 160 -20.72 -10.32 12.29
N ARG B 161 -19.84 -9.94 13.21
CA ARG B 161 -20.27 -9.39 14.49
C ARG B 161 -20.98 -8.07 14.42
N ALA B 162 -20.45 -7.16 13.62
CA ALA B 162 -21.09 -5.88 13.33
C ALA B 162 -22.51 -5.95 12.75
N MET B 163 -22.69 -6.89 11.83
CA MET B 163 -23.94 -7.15 11.14
C MET B 163 -24.92 -7.67 12.16
N ARG B 164 -24.45 -8.65 12.93
CA ARG B 164 -25.26 -9.17 14.08
C ARG B 164 -25.86 -8.14 15.05
N ARG B 165 -25.14 -7.06 15.40
CA ARG B 165 -25.67 -5.96 16.19
C ARG B 165 -26.77 -5.16 15.52
N LEU B 166 -26.73 -5.13 14.19
CA LEU B 166 -27.81 -4.59 13.40
C LEU B 166 -29.12 -5.32 13.63
N GLY B 167 -29.08 -6.54 14.09
CA GLY B 167 -30.29 -7.33 14.19
C GLY B 167 -31.06 -7.54 12.91
N LEU B 168 -30.43 -8.01 11.82
CA LEU B 168 -31.22 -8.16 10.60
C LEU B 168 -32.05 -9.42 10.58
N ASP B 169 -33.25 -9.32 10.01
CA ASP B 169 -33.99 -10.55 9.69
C ASP B 169 -33.78 -10.96 8.22
N ASP B 170 -34.24 -12.13 7.79
CA ASP B 170 -34.08 -12.66 6.40
C ASP B 170 -34.50 -11.74 5.23
N ALA B 171 -35.60 -11.00 5.32
CA ALA B 171 -36.01 -10.12 4.26
C ALA B 171 -34.94 -9.07 4.10
N GLU B 172 -34.40 -8.62 5.24
CA GLU B 172 -33.50 -7.48 5.32
C GLU B 172 -32.15 -7.78 4.69
N TYR B 173 -31.70 -9.00 4.95
CA TYR B 173 -30.58 -9.57 4.22
C TYR B 173 -30.86 -9.78 2.72
N ALA B 174 -32.09 -10.18 2.39
CA ALA B 174 -32.37 -10.66 1.03
C ALA B 174 -32.33 -9.39 0.17
N LEU B 175 -32.88 -8.35 0.78
CA LEU B 175 -32.94 -7.01 0.23
C LEU B 175 -31.57 -6.39 0.06
N LEU B 176 -30.68 -6.62 1.00
CA LEU B 176 -29.36 -5.98 0.99
C LEU B 176 -28.47 -6.65 -0.02
N ILE B 177 -28.54 -7.97 -0.06
CA ILE B 177 -28.01 -8.76 -1.18
C ILE B 177 -28.45 -8.36 -2.66
N ALA B 178 -29.74 -8.14 -2.88
CA ALA B 178 -30.33 -7.54 -4.11
C ALA B 178 -29.81 -6.19 -4.39
N ILE B 179 -29.83 -5.31 -3.38
CA ILE B 179 -29.20 -3.93 -3.54
C ILE B 179 -27.71 -4.07 -4.03
N ASN B 180 -26.99 -5.02 -3.43
CA ASN B 180 -25.59 -5.32 -3.71
C ASN B 180 -25.41 -5.86 -5.14
N ILE B 181 -26.12 -6.93 -5.52
CA ILE B 181 -26.22 -7.37 -6.96
C ILE B 181 -26.43 -6.26 -8.05
N PHE B 182 -27.39 -5.40 -7.82
CA PHE B 182 -27.55 -4.23 -8.63
C PHE B 182 -26.65 -3.05 -8.52
N SER B 183 -25.35 -3.23 -8.50
CA SER B 183 -24.39 -2.07 -8.34
C SER B 183 -23.84 -1.73 -9.67
N ALA B 184 -24.14 -0.52 -10.15
CA ALA B 184 -23.82 -0.10 -11.55
C ALA B 184 -22.33 0.05 -11.84
N ASP B 185 -21.53 0.24 -10.80
CA ASP B 185 -20.16 0.74 -10.94
C ASP B 185 -19.26 -0.49 -11.11
N ARG B 186 -19.86 -1.67 -11.34
CA ARG B 186 -19.11 -2.92 -11.45
C ARG B 186 -18.25 -2.94 -12.73
N PRO B 187 -17.06 -3.65 -12.67
CA PRO B 187 -16.22 -3.76 -13.89
C PRO B 187 -17.03 -4.36 -15.05
N ASN B 188 -16.84 -3.85 -16.29
CA ASN B 188 -17.46 -4.40 -17.56
C ASN B 188 -18.99 -4.36 -17.76
N VAL B 189 -19.65 -3.32 -17.23
CA VAL B 189 -21.12 -3.27 -17.20
C VAL B 189 -21.50 -2.28 -18.27
N GLN B 190 -22.38 -2.74 -19.15
CA GLN B 190 -22.69 -1.93 -20.33
C GLN B 190 -23.98 -1.17 -20.25
N GLU B 191 -24.87 -1.63 -19.37
CA GLU B 191 -26.10 -0.92 -19.08
C GLU B 191 -26.14 -0.50 -17.59
N PRO B 192 -25.20 0.35 -17.18
CA PRO B 192 -25.21 0.81 -15.79
C PRO B 192 -26.51 1.49 -15.38
N GLY B 193 -27.10 2.29 -16.29
CA GLY B 193 -28.34 3.06 -16.06
C GLY B 193 -29.47 2.10 -15.78
N ARG B 194 -29.53 1.03 -16.59
CA ARG B 194 -30.48 -0.06 -16.35
C ARG B 194 -30.24 -0.78 -14.98
N VAL B 195 -28.99 -1.02 -14.60
CA VAL B 195 -28.80 -1.61 -13.29
C VAL B 195 -29.04 -0.66 -12.10
N GLU B 196 -28.71 0.61 -12.19
CA GLU B 196 -29.00 1.51 -11.11
C GLU B 196 -30.47 1.69 -10.92
N ALA B 197 -31.27 1.38 -11.93
CA ALA B 197 -32.65 1.80 -11.89
C ALA B 197 -33.34 0.68 -11.28
N LEU B 198 -32.82 -0.49 -11.57
CA LEU B 198 -33.20 -1.71 -10.91
C LEU B 198 -32.84 -1.67 -9.45
N GLN B 199 -31.72 -1.04 -9.11
CA GLN B 199 -31.36 -0.98 -7.69
C GLN B 199 -32.34 -0.11 -6.88
N GLN B 200 -32.86 0.98 -7.49
CA GLN B 200 -33.87 1.83 -6.82
CA GLN B 200 -33.83 1.81 -6.78
C GLN B 200 -35.01 1.04 -6.08
N PRO B 201 -35.81 0.19 -6.79
CA PRO B 201 -36.91 -0.33 -5.90
C PRO B 201 -36.50 -1.15 -4.66
N TYR B 202 -35.29 -1.71 -4.66
CA TYR B 202 -34.73 -2.46 -3.53
C TYR B 202 -34.27 -1.53 -2.35
N VAL B 203 -33.51 -0.46 -2.63
CA VAL B 203 -33.26 0.53 -1.63
C VAL B 203 -34.57 1.03 -0.95
N GLU B 204 -35.54 1.42 -1.79
CA GLU B 204 -36.78 2.04 -1.37
C GLU B 204 -37.52 1.08 -0.51
N ALA B 205 -37.63 -0.19 -0.91
CA ALA B 205 -38.22 -1.22 -0.08
C ALA B 205 -37.48 -1.48 1.26
N LEU B 206 -36.16 -1.32 1.24
CA LEU B 206 -35.37 -1.39 2.47
C LEU B 206 -35.66 -0.23 3.40
N LEU B 207 -35.68 0.97 2.83
CA LEU B 207 -35.99 2.14 3.59
C LEU B 207 -37.33 1.94 4.37
N SER B 208 -38.40 1.59 3.66
CA SER B 208 -39.70 1.44 4.24
C SER B 208 -39.67 0.31 5.23
N TYR B 209 -39.05 -0.80 4.88
CA TYR B 209 -39.07 -2.01 5.72
C TYR B 209 -38.46 -1.76 7.06
N THR B 210 -37.36 -0.98 7.06
CA THR B 210 -36.64 -0.50 8.25
C THR B 210 -37.43 0.57 9.04
N ARG B 211 -38.08 1.53 8.42
CA ARG B 211 -38.85 2.45 9.22
C ARG B 211 -40.09 1.88 9.92
N ILE B 212 -40.64 0.77 9.38
CA ILE B 212 -41.82 0.06 9.87
C ILE B 212 -41.30 -0.88 10.95
N LYS B 213 -40.05 -1.29 10.88
CA LYS B 213 -39.58 -2.26 11.87
C LYS B 213 -39.02 -1.66 13.18
N ARG B 214 -38.36 -0.51 13.09
CA ARG B 214 -37.89 0.20 14.27
C ARG B 214 -38.27 1.63 13.95
N PRO B 215 -39.56 2.00 14.18
CA PRO B 215 -39.94 3.33 13.78
C PRO B 215 -39.06 4.43 14.46
N GLN B 216 -38.44 4.08 15.58
CA GLN B 216 -37.59 5.05 16.29
C GLN B 216 -36.06 4.91 16.19
N ASP B 217 -35.55 4.07 15.30
CA ASP B 217 -34.14 3.99 15.13
C ASP B 217 -33.86 4.23 13.72
N GLN B 218 -33.92 5.51 13.37
CA GLN B 218 -33.83 5.90 12.00
C GLN B 218 -32.38 5.92 11.44
N LEU B 219 -31.39 5.61 12.26
CA LEU B 219 -30.03 5.50 11.78
C LEU B 219 -29.72 4.06 11.51
N ARG B 220 -30.72 3.20 11.62
CA ARG B 220 -30.43 1.79 11.46
C ARG B 220 -30.25 1.46 9.95
N PHE B 221 -31.02 2.15 9.13
CA PHE B 221 -30.97 2.02 7.69
C PHE B 221 -29.61 2.50 7.09
N PRO B 222 -29.21 3.78 7.35
CA PRO B 222 -27.86 4.19 6.96
C PRO B 222 -26.77 3.19 7.34
N ARG B 223 -26.79 2.70 8.56
CA ARG B 223 -25.90 1.69 9.11
C ARG B 223 -25.86 0.37 8.30
N MET B 224 -27.00 -0.06 7.77
CA MET B 224 -27.03 -1.15 6.72
C MET B 224 -26.34 -0.78 5.35
N LEU B 225 -26.73 0.39 4.83
CA LEU B 225 -26.10 0.89 3.65
C LEU B 225 -24.54 1.04 3.75
N MET B 226 -24.02 1.47 4.92
CA MET B 226 -22.57 1.64 5.24
C MET B 226 -21.86 0.32 5.20
N LYS B 227 -22.61 -0.72 5.39
CA LYS B 227 -22.12 -2.07 5.34
C LYS B 227 -21.78 -2.54 3.95
N LEU B 228 -22.34 -1.92 2.89
CA LEU B 228 -22.04 -2.25 1.53
C LEU B 228 -20.73 -1.67 1.19
N VAL B 229 -20.46 -0.52 1.77
CA VAL B 229 -19.18 0.15 1.81
C VAL B 229 -18.08 -0.81 2.42
N SER B 230 -18.26 -1.23 3.68
CA SER B 230 -17.34 -2.13 4.35
C SER B 230 -16.94 -3.30 3.52
N LEU B 231 -17.92 -3.78 2.80
CA LEU B 231 -17.86 -5.03 2.01
C LEU B 231 -17.03 -4.86 0.75
N ARG B 232 -17.04 -3.64 0.24
CA ARG B 232 -16.22 -3.23 -0.84
C ARG B 232 -14.76 -3.47 -0.49
N THR B 233 -14.39 -2.97 0.68
CA THR B 233 -13.11 -3.14 1.28
C THR B 233 -12.80 -4.57 1.61
N LEU B 234 -13.75 -5.31 2.16
CA LEU B 234 -13.49 -6.72 2.43
C LEU B 234 -13.23 -7.46 1.19
N SER B 235 -14.08 -7.28 0.20
CA SER B 235 -13.83 -7.82 -1.11
C SER B 235 -12.38 -7.56 -1.58
N SER B 236 -11.88 -6.32 -1.50
CA SER B 236 -10.53 -6.08 -1.97
C SER B 236 -9.42 -6.57 -1.02
N VAL B 237 -9.69 -6.79 0.27
CA VAL B 237 -8.77 -7.47 1.16
C VAL B 237 -8.63 -8.90 0.67
N HIS B 238 -9.74 -9.56 0.34
CA HIS B 238 -9.74 -10.89 -0.36
C HIS B 238 -8.79 -10.95 -1.57
N SER B 239 -8.77 -9.94 -2.41
CA SER B 239 -7.96 -10.05 -3.63
C SER B 239 -6.44 -10.01 -3.30
N GLU B 240 -6.06 -9.24 -2.28
CA GLU B 240 -4.74 -9.41 -1.60
C GLU B 240 -4.36 -10.80 -0.95
N GLN B 241 -5.19 -11.88 -1.05
CA GLN B 241 -4.84 -13.25 -0.53
C GLN B 241 -4.05 -14.18 -1.52
N VAL B 242 -3.61 -13.69 -2.68
CA VAL B 242 -3.11 -14.63 -3.65
C VAL B 242 -1.84 -15.28 -3.15
N PHE B 243 -0.95 -14.49 -2.56
CA PHE B 243 0.23 -15.15 -2.01
C PHE B 243 -0.16 -16.36 -1.19
N ALA B 244 -1.26 -16.20 -0.44
CA ALA B 244 -1.65 -17.24 0.51
C ALA B 244 -2.05 -18.54 -0.21
N LEU B 245 -2.82 -18.38 -1.28
CA LEU B 245 -3.33 -19.47 -2.13
C LEU B 245 -2.30 -19.93 -3.15
N ARG B 246 -1.65 -18.99 -3.83
CA ARG B 246 -0.55 -19.30 -4.76
C ARG B 246 0.63 -20.12 -4.17
N LEU B 247 0.67 -20.30 -2.86
CA LEU B 247 1.75 -20.99 -2.15
C LEU B 247 1.39 -22.31 -1.48
N GLN B 248 0.16 -22.79 -1.58
CA GLN B 248 -0.11 -24.08 -1.01
C GLN B 248 0.30 -25.22 -1.94
N ASP B 249 0.37 -24.92 -3.25
CA ASP B 249 0.86 -25.85 -4.32
C ASP B 249 -0.13 -26.94 -4.77
N LYS B 250 -1.32 -26.90 -4.19
CA LYS B 250 -2.49 -27.56 -4.68
C LYS B 250 -3.43 -26.42 -5.19
N LYS B 251 -3.89 -26.55 -6.44
CA LYS B 251 -4.53 -25.48 -7.20
C LYS B 251 -5.95 -25.23 -6.72
N LEU B 252 -6.42 -23.97 -6.87
CA LEU B 252 -7.83 -23.61 -6.68
C LEU B 252 -8.71 -24.22 -7.80
N PRO B 253 -9.88 -24.83 -7.42
CA PRO B 253 -10.82 -25.27 -8.43
C PRO B 253 -11.03 -24.13 -9.41
N PRO B 254 -11.16 -24.47 -10.70
CA PRO B 254 -11.08 -23.41 -11.69
C PRO B 254 -12.21 -22.42 -11.65
N LEU B 255 -13.42 -22.84 -11.31
CA LEU B 255 -14.51 -21.88 -11.13
C LEU B 255 -14.07 -20.77 -10.18
N LEU B 256 -13.82 -21.20 -8.96
CA LEU B 256 -13.22 -20.46 -7.88
C LEU B 256 -12.03 -19.63 -8.33
N SER B 257 -11.15 -20.17 -9.20
CA SER B 257 -10.05 -19.39 -9.87
C SER B 257 -10.47 -18.16 -10.68
N GLU B 258 -11.48 -18.28 -11.52
CA GLU B 258 -11.95 -17.08 -12.22
C GLU B 258 -12.89 -16.22 -11.37
N ILE B 259 -13.84 -16.83 -10.67
CA ILE B 259 -14.76 -16.05 -9.84
C ILE B 259 -13.89 -15.16 -8.94
N TRP B 260 -12.71 -15.68 -8.59
CA TRP B 260 -11.82 -15.00 -7.66
C TRP B 260 -10.57 -14.31 -8.22
N ASP B 261 -10.39 -14.25 -9.54
CA ASP B 261 -9.35 -13.35 -10.03
C ASP B 261 -9.62 -12.73 -11.42
N GLN C 22 38.02 -23.57 -4.81
CA GLN C 22 36.79 -23.53 -5.62
C GLN C 22 35.52 -23.44 -4.74
N LEU C 23 34.35 -23.60 -5.35
CA LEU C 23 33.12 -23.61 -4.54
C LEU C 23 33.11 -24.92 -3.83
N THR C 24 32.58 -24.88 -2.63
CA THR C 24 32.05 -25.99 -1.89
C THR C 24 31.14 -26.86 -2.78
N ALA C 25 31.22 -28.16 -2.69
CA ALA C 25 30.13 -29.03 -3.34
C ALA C 25 28.74 -28.58 -3.02
N ALA C 26 28.53 -28.22 -1.75
CA ALA C 26 27.28 -27.75 -1.30
C ALA C 26 26.88 -26.50 -2.08
N GLN C 27 27.73 -25.46 -2.06
CA GLN C 27 27.51 -24.26 -2.91
C GLN C 27 27.33 -24.55 -4.34
N GLU C 28 28.17 -25.41 -4.90
CA GLU C 28 28.05 -25.81 -6.30
C GLU C 28 26.70 -26.51 -6.62
N LEU C 29 26.30 -27.51 -5.83
CA LEU C 29 24.98 -28.06 -6.00
C LEU C 29 23.82 -27.07 -5.90
N MET C 30 23.90 -26.20 -4.89
CA MET C 30 22.86 -25.24 -4.66
C MET C 30 22.72 -24.22 -5.80
N ILE C 31 23.86 -23.78 -6.31
CA ILE C 31 23.87 -22.85 -7.39
C ILE C 31 23.31 -23.46 -8.65
N GLN C 32 23.72 -24.70 -8.95
CA GLN C 32 23.07 -25.48 -9.98
C GLN C 32 21.57 -25.51 -9.82
N GLN C 33 21.09 -25.74 -8.63
CA GLN C 33 19.70 -26.02 -8.39
C GLN C 33 18.85 -24.75 -8.54
N LEU C 34 19.46 -23.62 -8.15
CA LEU C 34 18.90 -22.27 -8.29
C LEU C 34 18.70 -21.86 -9.74
N VAL C 35 19.75 -22.05 -10.55
CA VAL C 35 19.76 -21.89 -12.01
C VAL C 35 18.78 -22.85 -12.76
N ALA C 36 18.56 -24.02 -12.24
CA ALA C 36 17.62 -24.90 -12.86
C ALA C 36 16.17 -24.50 -12.51
N ALA C 37 15.91 -24.08 -11.28
CA ALA C 37 14.65 -23.39 -10.90
C ALA C 37 14.29 -22.12 -11.69
N GLN C 38 15.26 -21.28 -11.97
CA GLN C 38 15.05 -20.03 -12.72
C GLN C 38 14.81 -20.41 -14.22
N LEU C 39 15.61 -21.31 -14.78
CA LEU C 39 15.22 -21.88 -16.08
C LEU C 39 13.81 -22.53 -16.15
N GLN C 40 13.49 -23.49 -15.27
CA GLN C 40 12.18 -24.18 -15.32
C GLN C 40 10.96 -23.29 -15.11
N CYS C 41 11.13 -22.23 -14.33
CA CYS C 41 10.13 -21.17 -14.27
C CYS C 41 9.99 -20.49 -15.59
N ASN C 42 11.10 -20.21 -16.22
CA ASN C 42 11.03 -19.43 -17.44
C ASN C 42 10.25 -20.19 -18.48
N LYS C 43 10.70 -21.43 -18.73
CA LYS C 43 10.07 -22.46 -19.60
C LYS C 43 8.58 -22.71 -19.35
N ARG C 44 8.19 -22.85 -18.08
CA ARG C 44 6.78 -22.81 -17.69
C ARG C 44 6.02 -21.57 -18.23
N SER C 45 6.60 -20.39 -18.02
CA SER C 45 5.97 -19.15 -18.46
C SER C 45 5.86 -18.97 -19.99
N PHE C 46 6.60 -19.77 -20.78
CA PHE C 46 6.42 -19.82 -22.24
C PHE C 46 5.09 -20.52 -22.62
N SER C 47 4.58 -21.37 -21.72
CA SER C 47 3.32 -22.08 -21.94
C SER C 47 2.13 -21.13 -21.85
N ASP C 48 2.21 -20.19 -20.91
CA ASP C 48 1.20 -19.13 -20.72
C ASP C 48 1.32 -18.03 -21.77
N GLN C 49 2.27 -18.15 -22.70
CA GLN C 49 2.53 -17.05 -23.62
C GLN C 49 1.63 -16.98 -24.88
N PRO C 50 0.97 -18.11 -25.26
CA PRO C 50 -0.23 -18.07 -26.13
C PRO C 50 -1.45 -17.40 -25.46
N LYS C 51 -1.82 -17.82 -24.23
CA LYS C 51 -3.02 -17.24 -23.58
C LYS C 51 -3.00 -15.74 -23.12
N VAL C 52 -1.84 -15.10 -23.20
CA VAL C 52 -1.74 -13.65 -22.91
C VAL C 52 -2.60 -12.92 -23.94
N THR C 53 -2.94 -11.63 -23.74
CA THR C 53 -3.59 -10.95 -24.86
C THR C 53 -2.52 -10.58 -25.86
N PRO C 54 -2.73 -10.98 -27.14
CA PRO C 54 -2.04 -10.41 -28.30
C PRO C 54 -1.51 -8.99 -28.07
N TRP C 55 -0.18 -8.82 -28.20
CA TRP C 55 0.36 -7.48 -28.35
C TRP C 55 -0.33 -6.93 -29.58
N PRO C 56 -0.85 -5.68 -29.51
CA PRO C 56 -1.30 -4.90 -30.69
C PRO C 56 -0.20 -4.10 -31.40
N PRO C 61 -2.18 1.26 -35.58
CA PRO C 61 -3.27 2.23 -35.75
C PRO C 61 -3.17 3.62 -35.04
N GLN C 62 -2.15 3.80 -34.18
CA GLN C 62 -1.64 5.08 -33.61
C GLN C 62 -2.59 5.84 -32.61
N SER C 63 -3.32 5.04 -31.83
CA SER C 63 -4.40 5.43 -30.91
C SER C 63 -5.47 4.34 -30.83
N ARG C 64 -6.34 4.45 -29.84
CA ARG C 64 -7.49 3.52 -29.65
C ARG C 64 -7.70 2.76 -28.29
N ASP C 65 -8.23 1.53 -28.46
CA ASP C 65 -8.32 0.37 -27.59
C ASP C 65 -7.05 -0.46 -27.62
N ALA C 66 -6.07 0.00 -28.37
CA ALA C 66 -4.86 -0.78 -28.54
C ALA C 66 -4.07 -0.44 -27.29
N ARG C 67 -4.13 0.85 -26.86
CA ARG C 67 -3.47 1.25 -25.64
C ARG C 67 -3.99 0.46 -24.43
N GLN C 68 -5.31 0.19 -24.38
CA GLN C 68 -5.92 -0.68 -23.37
C GLN C 68 -5.35 -2.09 -23.52
N GLN C 69 -5.21 -2.58 -24.75
CA GLN C 69 -4.74 -3.95 -24.99
C GLN C 69 -3.28 -4.14 -24.61
N ARG C 70 -2.51 -3.04 -24.70
CA ARG C 70 -1.11 -3.03 -24.41
C ARG C 70 -0.97 -3.05 -22.89
N PHE C 71 -1.80 -2.21 -22.24
CA PHE C 71 -1.91 -2.07 -20.80
C PHE C 71 -2.43 -3.36 -20.15
N ALA C 72 -3.28 -4.09 -20.88
CA ALA C 72 -3.78 -5.37 -20.40
C ALA C 72 -2.75 -6.50 -20.65
N HIS C 73 -2.06 -6.40 -21.77
CA HIS C 73 -0.90 -7.24 -22.05
C HIS C 73 0.06 -7.16 -20.86
N PHE C 74 0.60 -5.99 -20.59
CA PHE C 74 1.58 -5.80 -19.53
C PHE C 74 1.12 -6.32 -18.18
N THR C 75 -0.13 -6.03 -17.83
CA THR C 75 -0.77 -6.56 -16.67
C THR C 75 -0.70 -8.06 -16.64
N GLU C 76 -1.04 -8.73 -17.72
CA GLU C 76 -1.00 -10.19 -17.74
C GLU C 76 0.46 -10.70 -17.57
N LEU C 77 1.42 -9.90 -18.06
CA LEU C 77 2.83 -10.18 -17.96
C LEU C 77 3.29 -10.27 -16.50
N ALA C 78 3.05 -9.15 -15.80
CA ALA C 78 3.11 -8.93 -14.34
C ALA C 78 2.44 -10.01 -13.55
N ILE C 79 1.26 -10.44 -13.97
CA ILE C 79 0.64 -11.54 -13.31
C ILE C 79 1.44 -12.85 -13.46
N ILE C 80 1.93 -13.12 -14.67
CA ILE C 80 2.63 -14.37 -14.94
C ILE C 80 3.90 -14.33 -14.14
N SER C 81 4.54 -13.18 -14.12
CA SER C 81 5.69 -12.91 -13.36
C SER C 81 5.54 -13.33 -11.86
N VAL C 82 4.53 -12.76 -11.18
CA VAL C 82 4.25 -12.98 -9.78
C VAL C 82 4.22 -14.45 -9.43
N GLN C 83 3.76 -15.25 -10.36
CA GLN C 83 3.65 -16.69 -10.26
C GLN C 83 4.96 -17.40 -10.48
N GLU C 84 5.72 -16.91 -11.42
CA GLU C 84 7.05 -17.38 -11.66
C GLU C 84 7.87 -17.27 -10.34
N ILE C 85 7.71 -16.11 -9.74
CA ILE C 85 8.37 -15.68 -8.55
C ILE C 85 8.00 -16.49 -7.34
N VAL C 86 6.75 -16.86 -7.21
CA VAL C 86 6.30 -17.68 -6.09
C VAL C 86 6.89 -19.04 -6.30
N ASP C 87 6.89 -19.49 -7.54
CA ASP C 87 7.46 -20.78 -7.87
C ASP C 87 8.95 -20.91 -7.70
N PHE C 88 9.69 -19.91 -8.20
CA PHE C 88 11.08 -19.77 -7.90
C PHE C 88 11.26 -19.89 -6.41
N ALA C 89 10.62 -19.01 -5.64
CA ALA C 89 10.71 -19.00 -4.19
C ALA C 89 10.54 -20.34 -3.44
N LYS C 90 9.55 -21.07 -3.84
CA LYS C 90 9.28 -22.39 -3.30
C LYS C 90 10.45 -23.38 -3.44
N GLN C 91 11.25 -23.21 -4.48
CA GLN C 91 12.43 -24.01 -4.74
C GLN C 91 13.76 -23.54 -4.15
N VAL C 92 13.74 -22.52 -3.31
CA VAL C 92 14.97 -21.90 -2.77
C VAL C 92 15.17 -22.49 -1.42
N PRO C 93 16.23 -23.34 -1.24
CA PRO C 93 16.45 -23.92 0.08
C PRO C 93 16.23 -23.01 1.26
N GLY C 94 15.37 -23.47 2.13
CA GLY C 94 15.19 -22.71 3.32
C GLY C 94 13.81 -22.13 3.33
N PHE C 95 13.34 -21.71 2.17
CA PHE C 95 12.08 -20.96 2.01
C PHE C 95 10.84 -21.64 2.61
N LEU C 96 10.56 -22.85 2.18
CA LEU C 96 9.44 -23.60 2.77
C LEU C 96 9.64 -24.02 4.25
N GLN C 97 10.80 -23.72 4.85
CA GLN C 97 11.14 -23.97 6.28
C GLN C 97 10.56 -22.89 7.20
N LEU C 98 10.23 -21.75 6.59
CA LEU C 98 9.69 -20.60 7.25
C LEU C 98 8.20 -20.79 7.50
N GLY C 99 7.66 -20.21 8.54
CA GLY C 99 6.22 -20.21 8.69
C GLY C 99 5.54 -19.62 7.41
N ARG C 100 4.39 -20.18 7.05
CA ARG C 100 3.62 -19.73 5.89
C ARG C 100 3.34 -18.23 5.95
N GLU C 101 3.13 -17.66 7.12
CA GLU C 101 2.97 -16.19 7.21
C GLU C 101 4.15 -15.41 6.76
N ASP C 102 5.33 -15.85 7.19
CA ASP C 102 6.57 -15.22 6.77
C ASP C 102 6.90 -15.40 5.31
N GLN C 103 6.57 -16.56 4.73
CA GLN C 103 6.78 -16.80 3.30
C GLN C 103 6.01 -15.71 2.60
N ILE C 104 4.73 -15.60 2.94
CA ILE C 104 3.82 -14.50 2.48
C ILE C 104 4.30 -13.05 2.66
N ALA C 105 4.70 -12.73 3.86
CA ALA C 105 5.13 -11.39 4.15
C ALA C 105 6.37 -11.06 3.31
N LEU C 106 7.14 -12.11 3.01
CA LEU C 106 8.44 -12.03 2.31
C LEU C 106 8.26 -11.90 0.82
N LEU C 107 7.41 -12.73 0.20
CA LEU C 107 6.95 -12.47 -1.18
C LEU C 107 6.19 -11.15 -1.45
N LYS C 108 5.21 -10.78 -0.63
CA LYS C 108 4.61 -9.41 -0.72
C LYS C 108 5.59 -8.29 -0.89
N ALA C 109 6.37 -8.09 0.18
CA ALA C 109 7.49 -7.19 0.23
C ALA C 109 8.55 -7.24 -0.92
N SER C 110 8.83 -8.37 -1.55
CA SER C 110 9.95 -8.42 -2.45
C SER C 110 9.65 -8.62 -3.92
N THR C 111 8.42 -9.02 -4.26
CA THR C 111 7.93 -9.27 -5.64
C THR C 111 8.34 -8.13 -6.58
N ILE C 112 8.01 -6.90 -6.16
CA ILE C 112 8.33 -5.75 -6.99
C ILE C 112 9.84 -5.60 -7.22
N GLU C 113 10.67 -5.78 -6.19
CA GLU C 113 12.14 -5.76 -6.39
C GLU C 113 12.67 -6.97 -7.17
N ILE C 114 12.03 -8.12 -7.12
CA ILE C 114 12.42 -9.27 -7.96
C ILE C 114 12.04 -9.05 -9.47
N MET C 115 10.85 -8.47 -9.71
CA MET C 115 10.38 -8.03 -11.01
C MET C 115 11.39 -7.13 -11.64
N LEU C 116 11.76 -6.08 -10.96
CA LEU C 116 12.89 -5.20 -11.37
C LEU C 116 14.23 -5.89 -11.69
N LEU C 117 14.68 -6.83 -10.82
CA LEU C 117 15.97 -7.50 -11.07
C LEU C 117 15.89 -8.35 -12.31
N GLU C 118 14.73 -9.00 -12.48
CA GLU C 118 14.51 -9.87 -13.61
C GLU C 118 14.43 -9.17 -14.93
N THR C 119 13.79 -8.02 -14.93
CA THR C 119 13.70 -7.08 -16.06
C THR C 119 15.12 -6.66 -16.43
N ALA C 120 15.94 -6.28 -15.45
CA ALA C 120 17.34 -5.86 -15.66
C ALA C 120 18.08 -6.91 -16.42
N ARG C 121 17.70 -8.15 -16.10
CA ARG C 121 18.40 -9.33 -16.49
C ARG C 121 18.04 -9.64 -17.93
N ARG C 122 16.86 -9.15 -18.34
CA ARG C 122 16.35 -9.39 -19.69
C ARG C 122 16.60 -8.16 -20.55
N TYR C 123 17.36 -7.23 -20.05
CA TYR C 123 17.63 -6.06 -20.81
C TYR C 123 18.78 -6.33 -21.81
N ASN C 124 18.57 -5.95 -23.07
CA ASN C 124 19.55 -6.14 -24.10
C ASN C 124 20.05 -4.76 -24.37
N HIS C 125 21.32 -4.50 -24.01
CA HIS C 125 21.85 -3.12 -23.96
C HIS C 125 22.13 -2.68 -25.34
N GLU C 126 22.02 -3.65 -26.26
CA GLU C 126 22.29 -3.45 -27.68
C GLU C 126 21.09 -2.80 -28.32
N THR C 127 19.92 -3.43 -28.12
CA THR C 127 18.68 -3.00 -28.76
C THR C 127 17.93 -1.98 -27.89
N GLU C 128 18.47 -1.76 -26.69
CA GLU C 128 17.75 -1.10 -25.59
C GLU C 128 16.33 -1.62 -25.36
N CYS C 129 16.14 -2.92 -25.59
CA CYS C 129 14.90 -3.67 -25.34
C CYS C 129 14.97 -4.77 -24.25
N ILE C 130 13.85 -4.92 -23.55
CA ILE C 130 13.62 -5.88 -22.50
C ILE C 130 12.75 -6.97 -23.05
N THR C 131 13.23 -8.22 -23.04
CA THR C 131 12.48 -9.38 -23.53
C THR C 131 11.69 -10.02 -22.37
N PHE C 132 10.37 -10.14 -22.50
CA PHE C 132 9.53 -10.84 -21.54
C PHE C 132 9.21 -12.24 -22.07
N LEU C 133 8.78 -13.12 -21.17
CA LEU C 133 8.62 -14.54 -21.47
C LEU C 133 9.94 -15.17 -21.98
N PHE C 136 9.33 -11.81 -26.39
CA PHE C 136 8.66 -10.51 -26.60
C PHE C 136 9.58 -9.37 -26.23
N THR C 137 9.71 -8.37 -27.09
CA THR C 137 10.76 -7.36 -26.90
C THR C 137 10.17 -6.00 -26.75
N TYR C 138 10.63 -5.26 -25.76
CA TYR C 138 9.87 -4.12 -25.33
C TYR C 138 10.81 -2.96 -25.18
N SER C 139 10.53 -1.89 -25.90
CA SER C 139 11.39 -0.74 -25.86
C SER C 139 10.67 0.31 -25.02
N LYS C 140 11.42 1.28 -24.49
CA LYS C 140 10.90 2.38 -23.71
C LYS C 140 9.54 2.82 -24.26
N ASP C 141 9.52 3.05 -25.58
CA ASP C 141 8.36 3.67 -26.20
C ASP C 141 7.19 2.72 -26.19
N ASP C 142 7.43 1.41 -26.21
CA ASP C 142 6.28 0.48 -26.02
C ASP C 142 5.55 0.61 -24.68
N PHE C 143 6.27 0.95 -23.62
CA PHE C 143 5.69 1.18 -22.30
C PHE C 143 4.97 2.55 -22.29
N HIS C 144 5.36 3.41 -23.22
CA HIS C 144 4.70 4.71 -23.33
C HIS C 144 3.44 4.66 -24.12
N ARG C 145 3.44 3.81 -25.14
CA ARG C 145 2.27 3.55 -25.97
C ARG C 145 1.16 2.77 -25.21
N ALA C 146 1.57 1.92 -24.24
CA ALA C 146 0.63 1.26 -23.29
C ALA C 146 0.13 2.22 -22.21
N GLY C 147 0.71 3.42 -22.21
CA GLY C 147 0.24 4.54 -21.44
C GLY C 147 0.85 4.50 -20.08
N LEU C 148 2.16 4.22 -20.01
CA LEU C 148 2.80 4.15 -18.68
C LEU C 148 3.51 5.45 -18.20
N GLN C 149 3.53 5.61 -16.86
CA GLN C 149 4.23 6.69 -16.16
C GLN C 149 5.73 6.72 -16.51
N VAL C 150 6.13 7.61 -17.44
CA VAL C 150 7.56 7.78 -17.81
C VAL C 150 8.49 7.95 -16.59
N GLU C 151 7.85 8.27 -15.47
CA GLU C 151 8.48 8.57 -14.21
C GLU C 151 8.88 7.27 -13.51
N PHE C 152 8.15 6.19 -13.80
CA PHE C 152 8.57 4.87 -13.37
C PHE C 152 9.21 4.05 -14.50
N ILE C 153 9.14 4.52 -15.74
CA ILE C 153 9.76 3.78 -16.83
C ILE C 153 11.23 4.20 -16.99
N ASN C 154 11.47 5.47 -16.77
CA ASN C 154 12.84 5.89 -16.77
C ASN C 154 13.75 5.20 -15.77
N PRO C 155 13.41 5.23 -14.47
CA PRO C 155 14.10 4.40 -13.45
C PRO C 155 14.23 2.91 -13.82
N ILE C 156 13.17 2.28 -14.32
CA ILE C 156 13.31 0.92 -14.75
C ILE C 156 14.55 0.78 -15.64
N PHE C 157 14.51 1.43 -16.81
CA PHE C 157 15.62 1.53 -17.78
C PHE C 157 17.00 1.92 -17.26
N GLU C 158 17.01 2.89 -16.40
CA GLU C 158 18.21 3.43 -15.77
C GLU C 158 18.85 2.39 -14.84
N PHE C 159 17.98 1.51 -14.28
CA PHE C 159 18.37 0.42 -13.40
C PHE C 159 18.94 -0.70 -14.23
N SER C 160 18.25 -1.06 -15.30
CA SER C 160 18.76 -2.14 -16.16
C SER C 160 20.13 -1.91 -16.82
N ARG C 161 20.41 -0.66 -17.10
CA ARG C 161 21.68 -0.28 -17.65
C ARG C 161 22.78 -0.21 -16.58
N ALA C 162 22.50 0.31 -15.39
CA ALA C 162 23.45 0.17 -14.29
C ALA C 162 23.82 -1.31 -14.02
N MET C 163 22.81 -2.16 -13.97
CA MET C 163 22.99 -3.61 -13.84
C MET C 163 23.85 -4.33 -14.94
N ARG C 164 23.72 -3.86 -16.20
CA ARG C 164 24.46 -4.40 -17.37
C ARG C 164 25.98 -4.16 -17.26
N ARG C 165 26.36 -3.05 -16.67
CA ARG C 165 27.75 -2.73 -16.41
C ARG C 165 28.40 -3.68 -15.45
N LEU C 166 27.62 -4.24 -14.51
CA LEU C 166 28.09 -5.29 -13.57
C LEU C 166 28.25 -6.68 -14.23
N GLY C 167 27.76 -6.86 -15.45
CA GLY C 167 27.92 -8.15 -16.12
C GLY C 167 27.62 -9.40 -15.28
N LEU C 168 26.48 -9.38 -14.60
CA LEU C 168 26.06 -10.52 -13.79
C LEU C 168 25.79 -11.64 -14.75
N ASP C 169 25.96 -12.91 -14.31
CA ASP C 169 25.27 -14.02 -14.98
C ASP C 169 24.02 -14.52 -14.30
N ASP C 170 23.41 -15.49 -14.92
CA ASP C 170 22.24 -16.11 -14.35
C ASP C 170 22.32 -16.57 -12.88
N ALA C 171 23.50 -17.02 -12.45
CA ALA C 171 23.68 -17.65 -11.13
C ALA C 171 23.70 -16.59 -10.04
N GLU C 172 24.52 -15.55 -10.34
CA GLU C 172 24.54 -14.26 -9.70
C GLU C 172 23.15 -13.53 -9.56
N TYR C 173 22.32 -13.54 -10.62
CA TYR C 173 20.99 -12.97 -10.49
C TYR C 173 20.18 -13.83 -9.60
N ALA C 174 20.33 -15.13 -9.72
CA ALA C 174 19.53 -16.09 -9.03
C ALA C 174 19.84 -16.02 -7.53
N LEU C 175 21.10 -15.66 -7.24
CA LEU C 175 21.64 -15.53 -5.86
C LEU C 175 21.20 -14.24 -5.26
N LEU C 176 21.31 -13.20 -6.05
CA LEU C 176 20.80 -11.89 -5.64
C LEU C 176 19.34 -11.96 -5.34
N ILE C 177 18.58 -12.74 -6.11
CA ILE C 177 17.11 -12.83 -5.86
C ILE C 177 16.80 -13.52 -4.51
N ALA C 178 17.51 -14.59 -4.24
CA ALA C 178 17.36 -15.38 -2.98
C ALA C 178 17.75 -14.60 -1.79
N ILE C 179 18.83 -13.84 -1.92
CA ILE C 179 19.24 -12.89 -0.87
C ILE C 179 18.17 -11.82 -0.54
N ASN C 180 17.56 -11.31 -1.62
CA ASN C 180 16.49 -10.34 -1.58
C ASN C 180 15.20 -10.91 -1.01
N ILE C 181 14.83 -12.13 -1.38
CA ILE C 181 13.84 -12.87 -0.60
C ILE C 181 14.03 -13.06 0.91
N PHE C 182 15.21 -13.50 1.34
CA PHE C 182 15.45 -13.55 2.80
C PHE C 182 15.80 -12.25 3.54
N SER C 183 15.04 -11.17 3.29
CA SER C 183 15.33 -9.88 3.98
C SER C 183 14.51 -9.74 5.23
N ALA C 184 15.18 -9.73 6.41
CA ALA C 184 14.53 -9.91 7.71
C ALA C 184 13.64 -8.72 8.10
N ASP C 185 13.96 -7.58 7.47
CA ASP C 185 13.35 -6.27 7.81
C ASP C 185 12.06 -5.93 7.02
N ARG C 186 11.41 -6.92 6.44
CA ARG C 186 10.15 -6.64 5.71
CA ARG C 186 10.15 -6.65 5.70
C ARG C 186 9.03 -6.57 6.70
N PRO C 187 7.97 -5.80 6.37
CA PRO C 187 6.91 -5.73 7.36
C PRO C 187 6.25 -7.09 7.65
N ASN C 188 5.89 -7.31 8.92
CA ASN C 188 5.06 -8.49 9.32
C ASN C 188 5.78 -9.85 9.44
N VAL C 189 7.13 -9.77 9.47
CA VAL C 189 7.97 -10.91 9.65
C VAL C 189 8.04 -11.24 11.16
N GLN C 190 7.65 -12.45 11.50
CA GLN C 190 7.48 -12.80 12.86
C GLN C 190 8.75 -13.41 13.45
N GLU C 191 9.55 -13.94 12.55
CA GLU C 191 10.76 -14.63 12.88
C GLU C 191 11.95 -14.13 12.05
N PRO C 192 12.36 -12.87 12.26
CA PRO C 192 13.42 -12.19 11.53
C PRO C 192 14.79 -12.85 11.57
N GLY C 193 15.11 -13.44 12.74
CA GLY C 193 16.33 -14.14 13.06
C GLY C 193 16.51 -15.36 12.19
N ARG C 194 15.44 -16.13 12.04
CA ARG C 194 15.33 -17.24 11.03
C ARG C 194 15.41 -16.77 9.60
N VAL C 195 14.83 -15.62 9.29
CA VAL C 195 14.95 -15.12 7.91
C VAL C 195 16.42 -14.80 7.64
N GLU C 196 17.05 -14.20 8.60
CA GLU C 196 18.38 -13.65 8.44
C GLU C 196 19.42 -14.74 8.41
N ALA C 197 19.25 -15.74 9.25
CA ALA C 197 19.99 -16.97 9.21
C ALA C 197 19.91 -17.71 7.89
N LEU C 198 18.70 -17.86 7.30
CA LEU C 198 18.56 -18.44 5.94
C LEU C 198 19.08 -17.56 4.81
N GLN C 199 19.35 -16.29 5.09
CA GLN C 199 19.89 -15.42 4.06
C GLN C 199 21.38 -15.71 3.79
N GLN C 200 22.10 -16.07 4.86
CA GLN C 200 23.56 -16.22 4.90
C GLN C 200 24.19 -17.25 3.94
N PRO C 201 23.63 -18.42 3.84
CA PRO C 201 24.04 -19.30 2.77
C PRO C 201 24.16 -18.66 1.39
N TYR C 202 23.24 -17.78 1.06
CA TYR C 202 23.22 -17.28 -0.33
C TYR C 202 24.24 -16.09 -0.43
N VAL C 203 24.49 -15.39 0.69
CA VAL C 203 25.53 -14.39 0.67
C VAL C 203 26.97 -14.99 0.62
N GLU C 204 27.22 -16.12 1.32
CA GLU C 204 28.47 -16.85 1.24
C GLU C 204 28.70 -17.30 -0.13
N ALA C 205 27.65 -17.81 -0.75
CA ALA C 205 27.75 -18.45 -2.05
C ALA C 205 28.09 -17.44 -3.10
N LEU C 206 27.43 -16.28 -3.02
CA LEU C 206 27.68 -15.18 -3.91
C LEU C 206 29.09 -14.62 -3.76
N LEU C 207 29.52 -14.45 -2.55
CA LEU C 207 30.88 -14.02 -2.23
C LEU C 207 31.96 -14.90 -2.84
N SER C 208 31.83 -16.23 -2.67
CA SER C 208 32.69 -17.21 -3.31
C SER C 208 32.55 -17.17 -4.81
N TYR C 209 31.34 -17.12 -5.31
CA TYR C 209 31.20 -17.21 -6.75
C TYR C 209 31.87 -15.99 -7.42
N THR C 210 31.78 -14.82 -6.81
CA THR C 210 32.35 -13.63 -7.40
C THR C 210 33.89 -13.49 -7.22
N ARG C 211 34.46 -14.09 -6.17
CA ARG C 211 35.90 -14.27 -6.08
C ARG C 211 36.53 -15.22 -7.09
N ILE C 212 35.77 -16.10 -7.69
CA ILE C 212 36.26 -17.10 -8.61
C ILE C 212 36.09 -16.62 -10.04
N LYS C 213 34.98 -15.90 -10.24
CA LYS C 213 34.63 -15.33 -11.50
C LYS C 213 35.57 -14.19 -11.86
N ARG C 214 35.69 -13.20 -10.95
CA ARG C 214 36.59 -12.05 -11.13
C ARG C 214 37.52 -11.95 -9.94
N PRO C 215 38.56 -12.81 -9.93
CA PRO C 215 39.51 -12.85 -8.84
C PRO C 215 40.33 -11.53 -8.60
N GLN C 216 40.50 -10.66 -9.62
CA GLN C 216 41.16 -9.39 -9.31
C GLN C 216 40.26 -8.12 -9.02
N ASP C 217 38.94 -8.29 -9.16
CA ASP C 217 38.01 -7.20 -8.82
C ASP C 217 37.94 -7.02 -7.28
N GLN C 218 36.98 -7.69 -6.66
CA GLN C 218 36.75 -7.62 -5.20
C GLN C 218 35.79 -6.50 -4.83
N LEU C 219 35.59 -5.55 -5.72
CA LEU C 219 34.52 -4.61 -5.48
C LEU C 219 33.21 -5.00 -6.15
N ARG C 220 33.20 -5.97 -7.08
CA ARG C 220 31.95 -6.37 -7.76
C ARG C 220 30.89 -6.89 -6.79
N PHE C 221 31.37 -7.65 -5.83
CA PHE C 221 30.52 -8.11 -4.79
C PHE C 221 29.77 -6.98 -4.01
N PRO C 222 30.48 -6.14 -3.25
CA PRO C 222 29.87 -4.91 -2.70
C PRO C 222 28.96 -4.13 -3.65
N ARG C 223 29.35 -3.93 -4.90
CA ARG C 223 28.53 -3.13 -5.87
C ARG C 223 27.22 -3.80 -6.21
N MET C 224 27.23 -5.15 -6.22
CA MET C 224 26.07 -5.99 -6.45
C MET C 224 25.09 -5.85 -5.36
N LEU C 225 25.57 -5.97 -4.13
CA LEU C 225 24.71 -5.76 -2.96
C LEU C 225 24.20 -4.33 -2.90
N MET C 226 24.97 -3.40 -3.48
CA MET C 226 24.74 -1.98 -3.28
C MET C 226 23.57 -1.69 -4.14
N LYS C 227 23.36 -2.52 -5.14
CA LYS C 227 22.27 -2.38 -6.09
C LYS C 227 20.96 -2.68 -5.41
N LEU C 228 20.99 -3.48 -4.36
CA LEU C 228 19.85 -3.78 -3.52
C LEU C 228 19.48 -2.62 -2.68
N VAL C 229 20.43 -1.71 -2.40
CA VAL C 229 20.12 -0.46 -1.69
C VAL C 229 19.27 0.40 -2.61
N SER C 230 19.71 0.54 -3.84
CA SER C 230 19.14 1.49 -4.77
C SER C 230 17.81 0.91 -5.16
N LEU C 231 17.80 -0.36 -5.49
CA LEU C 231 16.55 -1.16 -5.63
C LEU C 231 15.45 -1.16 -4.53
N ARG C 232 15.82 -0.93 -3.30
CA ARG C 232 14.84 -0.65 -2.28
C ARG C 232 14.16 0.74 -2.43
N THR C 233 14.89 1.73 -2.89
CA THR C 233 14.35 3.06 -3.18
C THR C 233 13.37 3.05 -4.33
N LEU C 234 13.75 2.43 -5.45
CA LEU C 234 12.85 2.22 -6.56
C LEU C 234 11.60 1.50 -6.20
N SER C 235 11.70 0.40 -5.52
CA SER C 235 10.46 -0.28 -5.18
C SER C 235 9.52 0.62 -4.44
N SER C 236 10.05 1.35 -3.46
CA SER C 236 9.16 2.09 -2.57
C SER C 236 8.59 3.38 -3.26
N VAL C 237 9.17 3.71 -4.41
CA VAL C 237 8.71 4.83 -5.18
C VAL C 237 7.53 4.45 -6.07
N HIS C 238 7.26 3.15 -6.16
CA HIS C 238 6.11 2.66 -6.93
C HIS C 238 4.88 2.77 -6.05
N SER C 239 5.08 2.19 -4.85
CA SER C 239 4.22 2.01 -3.67
C SER C 239 3.78 3.25 -2.88
N GLU C 240 4.29 4.44 -3.21
CA GLU C 240 4.16 5.58 -2.30
C GLU C 240 2.73 6.20 -2.20
N GLN C 241 2.34 6.50 -0.96
CA GLN C 241 1.06 7.07 -0.62
C GLN C 241 0.87 8.60 -0.91
N VAL C 242 -0.36 8.93 -1.36
CA VAL C 242 -0.72 10.31 -1.72
C VAL C 242 -0.56 11.32 -0.59
N PHE C 243 -0.39 10.79 0.62
CA PHE C 243 -0.31 11.58 1.83
C PHE C 243 1.12 11.61 2.30
N ALA C 244 2.03 11.19 1.44
CA ALA C 244 3.39 10.96 1.84
C ALA C 244 4.28 11.02 0.62
N LEU C 245 3.92 11.91 -0.31
CA LEU C 245 4.69 12.22 -1.53
C LEU C 245 5.73 13.33 -1.31
N ARG C 246 6.87 13.21 -2.02
CA ARG C 246 7.91 14.28 -2.09
C ARG C 246 7.75 15.15 -3.36
N LEU C 247 7.84 16.48 -3.21
CA LEU C 247 7.81 17.44 -4.38
C LEU C 247 9.09 17.53 -5.23
N LYS C 251 15.59 22.57 -7.62
CA LYS C 251 15.81 23.63 -6.65
C LYS C 251 16.47 23.11 -5.39
N LEU C 252 17.16 24.00 -4.69
CA LEU C 252 17.89 23.62 -3.49
C LEU C 252 17.19 24.13 -2.24
N PRO C 253 17.11 23.29 -1.17
CA PRO C 253 16.70 23.73 0.17
C PRO C 253 17.45 24.98 0.62
N PRO C 254 16.79 26.16 0.63
CA PRO C 254 17.39 27.45 1.03
C PRO C 254 18.00 27.41 2.44
N LEU C 255 17.33 26.70 3.34
CA LEU C 255 17.70 26.52 4.73
C LEU C 255 18.92 25.57 4.95
N LEU C 256 18.88 24.37 4.35
CA LEU C 256 20.05 23.47 4.36
C LEU C 256 21.23 24.17 3.72
N SER C 257 20.99 24.75 2.54
CA SER C 257 21.87 25.63 1.80
C SER C 257 22.38 26.83 2.65
N GLU C 258 21.53 27.44 3.48
CA GLU C 258 22.02 28.45 4.43
C GLU C 258 23.12 27.85 5.31
N ILE C 259 22.74 27.06 6.32
CA ILE C 259 23.65 26.19 7.10
C ILE C 259 24.95 25.73 6.35
N TRP C 260 24.86 25.55 5.04
CA TRP C 260 26.00 25.11 4.25
C TRP C 260 27.25 26.01 4.29
N ASP C 261 27.07 27.33 4.19
CA ASP C 261 28.16 28.29 4.51
C ASP C 261 27.80 29.27 5.64
N GLN D 22 46.20 -6.57 4.84
CA GLN D 22 46.32 -5.41 5.81
C GLN D 22 46.13 -4.00 5.19
N LEU D 23 45.69 -3.05 6.04
CA LEU D 23 45.29 -1.66 5.67
C LEU D 23 46.47 -0.82 5.14
N THR D 24 46.36 -0.32 3.91
CA THR D 24 47.39 0.47 3.33
C THR D 24 47.43 1.79 4.03
N ALA D 25 48.55 2.50 3.81
CA ALA D 25 48.89 3.68 4.57
C ALA D 25 47.88 4.79 4.18
N ALA D 26 47.58 4.84 2.92
CA ALA D 26 46.58 5.70 2.29
C ALA D 26 45.13 5.55 2.83
N GLN D 27 44.71 4.30 3.11
CA GLN D 27 43.41 3.93 3.73
C GLN D 27 43.45 4.25 5.19
N GLU D 28 44.52 3.86 5.85
CA GLU D 28 44.69 4.18 7.25
C GLU D 28 44.54 5.64 7.49
N LEU D 29 45.07 6.46 6.58
CA LEU D 29 45.00 7.92 6.67
C LEU D 29 43.59 8.49 6.43
N MET D 30 42.94 7.94 5.43
CA MET D 30 41.58 8.20 5.08
C MET D 30 40.65 7.94 6.28
N ILE D 31 40.83 6.81 6.97
CA ILE D 31 40.05 6.43 8.13
C ILE D 31 40.27 7.32 9.34
N GLN D 32 41.54 7.53 9.69
CA GLN D 32 41.94 8.51 10.67
C GLN D 32 41.28 9.87 10.53
N GLN D 33 41.00 10.29 9.28
CA GLN D 33 40.41 11.59 8.91
C GLN D 33 38.96 11.61 9.27
N LEU D 34 38.35 10.47 9.07
CA LEU D 34 36.96 10.15 9.46
C LEU D 34 36.77 10.06 10.94
N VAL D 35 37.50 9.21 11.61
CA VAL D 35 37.43 9.13 13.03
C VAL D 35 37.59 10.49 13.63
N ALA D 36 38.55 11.25 13.15
CA ALA D 36 38.83 12.57 13.70
C ALA D 36 37.70 13.53 13.45
N ALA D 37 37.03 13.45 12.32
CA ALA D 37 35.95 14.38 12.02
C ALA D 37 34.69 14.01 12.81
N GLN D 38 34.52 12.73 12.97
CA GLN D 38 33.44 12.19 13.69
C GLN D 38 33.65 12.79 15.07
N LEU D 39 34.86 12.77 15.56
CA LEU D 39 35.21 13.38 16.79
C LEU D 39 35.12 14.94 16.84
N GLN D 40 35.60 15.69 15.85
CA GLN D 40 35.42 17.15 15.95
C GLN D 40 33.92 17.50 16.09
N CYS D 41 33.05 16.72 15.44
CA CYS D 41 31.53 16.80 15.52
C CYS D 41 30.92 16.51 16.89
N ASN D 42 31.04 15.25 17.34
CA ASN D 42 30.72 14.86 18.69
C ASN D 42 31.01 16.05 19.64
N LYS D 43 32.18 16.69 19.48
CA LYS D 43 32.72 17.64 20.48
C LYS D 43 32.04 18.96 20.52
N ARG D 44 31.42 19.32 19.40
CA ARG D 44 30.87 20.67 19.19
C ARG D 44 29.95 21.22 20.31
N LYS D 51 21.67 24.61 25.81
CA LYS D 51 20.47 25.45 25.73
C LYS D 51 19.20 24.79 25.09
N VAL D 52 19.07 23.47 25.21
CA VAL D 52 17.90 22.75 24.65
C VAL D 52 16.77 22.77 25.68
N THR D 53 15.57 23.19 25.24
CA THR D 53 14.39 23.24 26.10
C THR D 53 14.39 21.98 26.93
N PRO D 54 14.36 22.17 28.28
CA PRO D 54 14.48 21.12 29.30
C PRO D 54 13.40 20.02 29.24
N TRP D 55 13.83 18.75 29.33
CA TRP D 55 12.94 17.60 29.56
C TRP D 55 12.12 17.75 30.86
N PRO D 56 10.81 17.37 30.82
CA PRO D 56 9.94 17.31 32.01
C PRO D 56 10.54 16.47 33.16
N ARG D 64 -0.11 15.11 28.56
CA ARG D 64 -0.17 16.13 29.62
C ARG D 64 0.62 17.41 29.22
N ASP D 65 0.75 17.68 27.89
CA ASP D 65 1.45 18.90 27.36
C ASP D 65 2.97 19.07 27.73
N ALA D 66 3.40 18.30 28.72
CA ALA D 66 4.73 17.70 28.78
C ALA D 66 5.08 16.74 27.58
N ARG D 67 4.08 16.17 26.88
CA ARG D 67 4.23 15.65 25.51
C ARG D 67 4.80 16.77 24.61
N GLN D 68 4.26 17.98 24.71
CA GLN D 68 4.61 19.07 23.75
C GLN D 68 6.01 19.57 23.99
N GLN D 69 6.47 19.47 25.22
CA GLN D 69 7.77 19.97 25.60
C GLN D 69 8.84 18.91 25.36
N ARG D 70 8.47 17.62 25.47
CA ARG D 70 9.34 16.49 25.10
C ARG D 70 9.64 16.42 23.60
N PHE D 71 8.61 16.56 22.77
CA PHE D 71 8.67 16.76 21.33
C PHE D 71 9.57 17.90 20.95
N ALA D 72 9.35 19.08 21.53
CA ALA D 72 10.20 20.26 21.35
C ALA D 72 11.70 19.96 21.59
N HIS D 73 11.96 19.18 22.60
CA HIS D 73 13.31 18.93 23.05
C HIS D 73 13.96 18.05 21.98
N PHE D 74 13.14 17.23 21.33
CA PHE D 74 13.67 16.32 20.37
C PHE D 74 13.87 17.05 19.07
N THR D 75 12.99 17.99 18.82
CA THR D 75 13.10 18.87 17.69
C THR D 75 14.48 19.58 17.71
N GLU D 76 14.89 20.08 18.88
CA GLU D 76 16.09 20.82 19.08
C GLU D 76 17.26 19.93 18.92
N LEU D 77 17.25 18.79 19.59
CA LEU D 77 18.11 17.67 19.29
C LEU D 77 18.28 17.40 17.78
N ALA D 78 17.22 17.49 17.00
CA ALA D 78 17.33 17.10 15.62
C ALA D 78 18.11 18.21 14.94
N ILE D 79 17.91 19.44 15.35
CA ILE D 79 18.46 20.55 14.66
C ILE D 79 19.97 20.53 14.80
N ILE D 80 20.45 20.24 16.00
CA ILE D 80 21.84 20.28 16.32
C ILE D 80 22.54 19.19 15.48
N SER D 81 21.81 18.11 15.21
CA SER D 81 22.28 16.96 14.50
C SER D 81 22.42 17.28 13.03
N VAL D 82 21.53 18.07 12.47
CA VAL D 82 21.73 18.58 11.11
C VAL D 82 23.12 19.32 11.06
N GLN D 83 23.39 20.19 12.04
CA GLN D 83 24.67 20.91 12.09
C GLN D 83 25.87 19.97 12.13
N GLU D 84 25.83 18.95 12.98
CA GLU D 84 26.93 18.02 13.16
C GLU D 84 27.19 17.20 11.92
N ILE D 85 26.16 17.03 11.10
CA ILE D 85 26.20 16.14 9.97
C ILE D 85 26.84 16.86 8.83
N VAL D 86 26.57 18.15 8.78
CA VAL D 86 27.06 19.08 7.80
C VAL D 86 28.55 19.23 8.03
N ASP D 87 28.95 19.41 9.28
CA ASP D 87 30.30 19.53 9.70
C ASP D 87 31.19 18.29 9.45
N PHE D 88 30.56 17.13 9.50
CA PHE D 88 31.23 15.90 9.41
C PHE D 88 31.47 15.70 7.91
N ALA D 89 30.43 15.67 7.05
CA ALA D 89 30.49 15.57 5.57
C ALA D 89 31.54 16.50 4.94
N LYS D 90 31.60 17.71 5.51
CA LYS D 90 32.57 18.72 5.17
C LYS D 90 34.01 18.23 5.34
N GLN D 91 34.30 17.61 6.49
CA GLN D 91 35.54 16.99 6.78
C GLN D 91 35.74 15.59 6.18
N VAL D 92 34.84 15.13 5.29
CA VAL D 92 35.03 13.87 4.66
C VAL D 92 35.70 13.93 3.35
N PRO D 93 36.92 13.31 3.26
CA PRO D 93 37.82 13.41 2.10
C PRO D 93 37.05 13.26 0.83
N GLY D 94 37.08 14.28 -0.03
CA GLY D 94 36.41 14.15 -1.30
C GLY D 94 35.12 14.92 -1.39
N PHE D 95 34.48 15.19 -0.23
CA PHE D 95 33.11 15.71 -0.26
C PHE D 95 33.12 17.08 -0.90
N LEU D 96 33.84 18.04 -0.28
CA LEU D 96 34.25 19.36 -0.92
C LEU D 96 34.63 19.43 -2.42
N GLN D 97 35.18 18.35 -2.99
CA GLN D 97 35.48 18.30 -4.44
C GLN D 97 34.24 18.18 -5.27
N LEU D 98 33.14 17.84 -4.65
CA LEU D 98 31.90 17.81 -5.42
C LEU D 98 31.40 19.25 -5.61
N GLY D 99 30.68 19.50 -6.67
CA GLY D 99 30.04 20.81 -6.80
C GLY D 99 29.05 21.04 -5.68
N ARG D 100 28.91 22.30 -5.26
CA ARG D 100 27.91 22.67 -4.22
C ARG D 100 26.44 22.10 -4.32
N GLU D 101 25.95 21.81 -5.54
CA GLU D 101 24.51 21.47 -5.70
C GLU D 101 24.31 20.06 -5.24
N ASP D 102 25.15 19.18 -5.81
CA ASP D 102 25.29 17.77 -5.43
C ASP D 102 25.70 17.61 -3.97
N GLN D 103 26.71 18.31 -3.53
CA GLN D 103 26.97 18.28 -2.12
C GLN D 103 25.68 18.47 -1.27
N ILE D 104 24.84 19.44 -1.65
CA ILE D 104 23.61 19.79 -0.93
C ILE D 104 22.56 18.67 -0.98
N ALA D 105 22.22 18.25 -2.19
CA ALA D 105 21.42 17.11 -2.48
C ALA D 105 21.88 15.82 -1.80
N LEU D 106 23.18 15.54 -1.82
CA LEU D 106 23.65 14.35 -1.15
C LEU D 106 23.26 14.43 0.34
N LEU D 107 23.47 15.60 0.94
CA LEU D 107 23.22 15.81 2.34
C LEU D 107 21.70 15.77 2.73
N LYS D 108 20.88 16.22 1.82
CA LYS D 108 19.50 16.34 2.01
C LYS D 108 18.96 14.93 2.13
N ALA D 109 19.21 14.10 1.11
CA ALA D 109 18.74 12.70 1.09
C ALA D 109 19.34 11.86 2.19
N SER D 110 20.51 12.18 2.76
CA SER D 110 21.08 11.23 3.71
C SER D 110 20.89 11.59 5.12
N THR D 111 20.48 12.80 5.38
CA THR D 111 20.37 13.29 6.76
C THR D 111 19.62 12.32 7.65
N ILE D 112 18.48 11.84 7.17
CA ILE D 112 17.66 10.87 7.96
C ILE D 112 18.41 9.59 8.25
N GLU D 113 19.05 9.06 7.24
CA GLU D 113 19.83 7.81 7.39
C GLU D 113 21.05 7.98 8.26
N ILE D 114 21.73 9.12 8.10
CA ILE D 114 22.87 9.30 8.92
C ILE D 114 22.42 9.39 10.32
N MET D 115 21.36 10.18 10.57
CA MET D 115 20.67 10.30 11.92
C MET D 115 20.32 8.96 12.58
N LEU D 116 19.77 8.04 11.80
CA LEU D 116 19.48 6.70 12.26
C LEU D 116 20.70 5.84 12.53
N LEU D 117 21.74 6.02 11.75
CA LEU D 117 22.93 5.25 11.92
C LEU D 117 23.67 5.80 13.12
N GLU D 118 23.47 7.05 13.45
CA GLU D 118 24.16 7.66 14.58
C GLU D 118 23.47 7.34 15.92
N THR D 119 22.14 7.34 15.93
CA THR D 119 21.24 6.71 16.93
C THR D 119 21.62 5.23 17.17
N ALA D 120 21.66 4.36 16.15
CA ALA D 120 22.32 2.99 16.32
C ALA D 120 23.60 2.96 17.15
N ARG D 121 24.54 3.82 16.77
CA ARG D 121 25.84 3.96 17.46
C ARG D 121 25.77 4.34 18.94
N ARG D 122 24.75 5.12 19.30
CA ARG D 122 24.60 5.75 20.58
C ARG D 122 23.66 4.88 21.43
N TYR D 123 23.35 3.69 20.88
CA TYR D 123 22.45 2.77 21.57
C TYR D 123 23.19 1.81 22.45
N ASN D 124 22.73 1.77 23.70
CA ASN D 124 23.25 0.90 24.71
C ASN D 124 22.28 -0.25 25.02
N HIS D 125 22.76 -1.48 24.93
CA HIS D 125 21.80 -2.61 25.02
C HIS D 125 21.53 -3.21 26.41
N GLU D 126 22.51 -3.02 27.30
CA GLU D 126 22.34 -3.06 28.72
C GLU D 126 21.01 -2.37 29.07
N THR D 127 20.99 -1.04 29.00
CA THR D 127 19.92 -0.18 29.48
C THR D 127 18.78 0.00 28.48
N GLU D 128 19.01 -0.46 27.24
CA GLU D 128 18.11 -0.18 26.07
C GLU D 128 17.88 1.35 25.84
N CYS D 129 18.97 2.07 25.88
CA CYS D 129 18.93 3.51 25.83
C CYS D 129 19.78 4.11 24.70
N ILE D 130 19.27 5.16 24.13
CA ILE D 130 20.01 5.94 23.20
C ILE D 130 20.55 7.17 23.95
N THR D 131 21.86 7.39 23.82
CA THR D 131 22.58 8.55 24.39
C THR D 131 22.68 9.64 23.33
N PHE D 132 21.95 10.71 23.54
CA PHE D 132 22.09 11.90 22.76
C PHE D 132 22.93 12.99 23.49
N LEU D 133 23.18 14.09 22.79
CA LEU D 133 24.25 15.01 23.12
C LEU D 133 25.43 14.27 23.78
N LYS D 134 25.83 14.69 24.98
CA LYS D 134 26.76 13.94 25.82
C LYS D 134 25.94 13.54 27.04
N ASP D 135 26.00 12.27 27.44
CA ASP D 135 25.18 11.74 28.58
C ASP D 135 23.65 11.97 28.64
N PHE D 136 23.05 12.61 27.65
CA PHE D 136 21.57 12.58 27.57
C PHE D 136 21.03 11.20 27.13
N THR D 137 20.07 10.70 27.89
CA THR D 137 19.72 9.28 27.86
C THR D 137 18.23 9.15 27.65
N TYR D 138 17.82 8.40 26.63
CA TYR D 138 16.41 8.14 26.27
C TYR D 138 16.13 6.64 26.05
N SER D 139 15.10 6.16 26.74
CA SER D 139 14.49 4.82 26.62
C SER D 139 13.39 4.93 25.60
N LYS D 140 12.90 3.79 25.13
CA LYS D 140 11.84 3.73 24.11
C LYS D 140 10.54 4.45 24.44
N ASP D 141 10.12 4.37 25.72
CA ASP D 141 8.96 5.05 26.27
C ASP D 141 9.14 6.53 26.39
N ASP D 142 10.37 7.01 26.58
CA ASP D 142 10.66 8.49 26.45
C ASP D 142 10.24 9.04 25.07
N PHE D 143 10.53 8.34 23.99
CA PHE D 143 10.08 8.74 22.65
C PHE D 143 8.55 8.61 22.42
N HIS D 144 7.95 7.51 22.90
CA HIS D 144 6.50 7.33 22.88
C HIS D 144 5.78 8.34 23.70
N ARG D 145 6.45 8.86 24.71
CA ARG D 145 5.87 9.96 25.51
C ARG D 145 5.97 11.37 24.88
N ALA D 146 6.72 11.46 23.80
CA ALA D 146 6.84 12.67 23.02
C ALA D 146 5.73 12.77 21.97
N GLY D 147 4.99 11.65 21.75
CA GLY D 147 3.86 11.63 20.81
C GLY D 147 4.32 11.02 19.48
N LEU D 148 5.46 10.37 19.60
CA LEU D 148 6.11 9.79 18.49
C LEU D 148 5.44 8.45 18.33
N GLN D 149 5.14 8.07 17.09
CA GLN D 149 4.34 6.90 16.83
C GLN D 149 5.15 5.66 16.94
N VAL D 150 4.51 4.52 17.22
CA VAL D 150 5.18 3.27 17.43
C VAL D 150 5.69 2.64 16.10
N GLU D 151 4.93 2.81 15.02
CA GLU D 151 5.32 2.54 13.64
C GLU D 151 6.71 3.01 13.25
N PHE D 152 7.19 4.09 13.90
CA PHE D 152 8.52 4.63 13.63
C PHE D 152 9.53 4.37 14.71
N ILE D 153 9.19 4.64 15.95
CA ILE D 153 10.04 4.35 17.11
C ILE D 153 10.56 2.90 17.12
N ASN D 154 9.67 1.94 16.90
CA ASN D 154 9.98 0.52 17.03
C ASN D 154 11.05 0.02 16.09
N PRO D 155 10.86 0.23 14.77
CA PRO D 155 11.83 0.01 13.67
C PRO D 155 13.23 0.64 13.90
N ILE D 156 13.25 1.81 14.51
CA ILE D 156 14.46 2.46 15.04
C ILE D 156 15.18 1.72 16.09
N PHE D 157 14.45 1.22 17.08
CA PHE D 157 15.05 0.30 18.08
C PHE D 157 15.33 -1.08 17.57
N GLU D 158 14.49 -1.65 16.69
CA GLU D 158 14.83 -2.89 15.91
C GLU D 158 16.17 -2.69 15.14
N PHE D 159 16.29 -1.52 14.51
CA PHE D 159 17.51 -1.18 13.75
C PHE D 159 18.73 -0.98 14.64
N SER D 160 18.55 -0.25 15.74
CA SER D 160 19.63 -0.10 16.67
C SER D 160 20.17 -1.41 17.20
N ARG D 161 19.29 -2.35 17.53
CA ARG D 161 19.61 -3.68 18.04
C ARG D 161 20.21 -4.59 16.95
N ALA D 162 19.69 -4.50 15.74
CA ALA D 162 20.32 -5.25 14.68
C ALA D 162 21.80 -4.82 14.53
N MET D 163 22.03 -3.50 14.68
CA MET D 163 23.33 -2.84 14.52
C MET D 163 24.24 -3.21 15.63
N ARG D 164 23.74 -3.04 16.86
CA ARG D 164 24.53 -3.47 18.06
C ARG D 164 25.13 -4.89 18.04
N ARG D 165 24.40 -5.83 17.48
CA ARG D 165 24.78 -7.22 17.32
C ARG D 165 25.94 -7.40 16.36
N LEU D 166 26.17 -6.40 15.50
CA LEU D 166 27.29 -6.42 14.51
C LEU D 166 28.62 -5.99 15.14
N GLY D 167 28.54 -5.48 16.35
CA GLY D 167 29.66 -5.03 17.10
C GLY D 167 30.51 -3.99 16.38
N LEU D 168 29.89 -2.95 15.81
CA LEU D 168 30.71 -2.04 15.04
C LEU D 168 31.46 -1.15 15.96
N ASP D 169 32.65 -0.74 15.53
CA ASP D 169 33.33 0.33 16.27
C ASP D 169 33.14 1.66 15.56
N ASP D 170 33.66 2.73 16.14
CA ASP D 170 33.73 4.12 15.58
C ASP D 170 34.27 4.30 14.17
N ALA D 171 35.36 3.64 13.81
CA ALA D 171 35.81 3.65 12.44
C ALA D 171 34.76 3.07 11.53
N GLU D 172 34.04 2.04 11.97
CA GLU D 172 33.19 1.25 11.08
C GLU D 172 31.94 2.00 10.75
N TYR D 173 31.47 2.73 11.77
CA TYR D 173 30.39 3.65 11.63
C TYR D 173 30.68 4.89 10.66
N ALA D 174 31.87 5.49 10.90
CA ALA D 174 32.34 6.63 10.16
C ALA D 174 32.37 6.28 8.68
N LEU D 175 32.92 5.13 8.34
CA LEU D 175 32.97 4.58 7.00
C LEU D 175 31.62 4.31 6.37
N LEU D 176 30.73 3.73 7.15
CA LEU D 176 29.38 3.40 6.72
C LEU D 176 28.61 4.62 6.37
N ILE D 177 28.69 5.59 7.26
CA ILE D 177 28.19 6.97 7.01
C ILE D 177 28.69 7.68 5.71
N ALA D 178 30.02 7.63 5.44
CA ALA D 178 30.67 8.11 4.21
C ALA D 178 30.22 7.39 2.99
N ILE D 179 30.13 6.05 3.05
CA ILE D 179 29.55 5.26 1.93
C ILE D 179 28.11 5.73 1.67
N ASN D 180 27.38 5.88 2.75
CA ASN D 180 26.03 6.33 2.69
C ASN D 180 25.92 7.72 2.04
N ILE D 181 26.71 8.68 2.50
CA ILE D 181 26.80 10.06 1.87
C ILE D 181 27.09 10.00 0.37
N PHE D 182 28.05 9.17 -0.02
CA PHE D 182 28.31 9.00 -1.43
C PHE D 182 27.42 8.10 -2.23
N SER D 183 26.11 8.31 -2.19
CA SER D 183 25.14 7.45 -2.97
C SER D 183 24.60 8.20 -4.13
N ALA D 184 24.90 7.74 -5.34
CA ALA D 184 24.74 8.43 -6.62
C ALA D 184 23.33 8.30 -7.29
N ASP D 185 22.46 7.46 -6.70
CA ASP D 185 21.08 7.29 -7.09
C ASP D 185 20.20 8.26 -6.26
N ARG D 186 20.82 9.11 -5.40
CA ARG D 186 20.12 10.18 -4.66
C ARG D 186 19.32 11.14 -5.56
N PRO D 187 18.13 11.58 -5.09
CA PRO D 187 17.44 12.60 -5.90
C PRO D 187 18.30 13.84 -6.24
N ASN D 188 18.26 14.27 -7.50
CA ASN D 188 18.83 15.56 -7.96
C ASN D 188 20.35 15.71 -8.08
N VAL D 189 21.04 14.58 -8.35
CA VAL D 189 22.49 14.54 -8.40
C VAL D 189 22.84 14.69 -9.86
N GLN D 190 23.63 15.72 -10.13
CA GLN D 190 23.96 16.12 -11.50
C GLN D 190 25.21 15.35 -11.92
N GLU D 191 26.05 15.01 -10.93
CA GLU D 191 27.23 14.18 -11.27
C GLU D 191 27.32 12.84 -10.53
N PRO D 192 26.45 11.87 -10.88
CA PRO D 192 26.46 10.56 -10.22
C PRO D 192 27.64 9.59 -10.52
N GLY D 193 28.62 10.03 -11.30
CA GLY D 193 29.69 9.11 -11.80
C GLY D 193 30.82 9.46 -10.89
N ARG D 194 30.94 10.77 -10.69
CA ARG D 194 31.74 11.35 -9.63
C ARG D 194 31.43 10.81 -8.20
N VAL D 195 30.18 10.91 -7.73
CA VAL D 195 29.86 10.44 -6.40
C VAL D 195 30.02 8.90 -6.17
N GLU D 196 29.76 8.09 -7.18
CA GLU D 196 29.99 6.70 -7.19
C GLU D 196 31.46 6.41 -7.04
N ALA D 197 32.29 7.12 -7.78
CA ALA D 197 33.71 6.86 -7.80
C ALA D 197 34.35 7.19 -6.50
N LEU D 198 33.87 8.25 -5.90
CA LEU D 198 34.14 8.60 -4.51
C LEU D 198 33.62 7.66 -3.40
N GLN D 199 32.64 6.80 -3.69
CA GLN D 199 32.14 5.86 -2.69
C GLN D 199 33.12 4.68 -2.66
N GLN D 200 33.66 4.36 -3.84
CA GLN D 200 34.66 3.31 -4.01
C GLN D 200 35.70 3.33 -2.90
N PRO D 201 36.50 4.39 -2.73
CA PRO D 201 37.54 4.00 -1.71
C PRO D 201 37.02 3.66 -0.30
N TYR D 202 35.84 4.19 0.06
CA TYR D 202 35.20 3.95 1.37
C TYR D 202 34.70 2.49 1.52
N VAL D 203 33.97 1.99 0.54
CA VAL D 203 33.61 0.58 0.49
C VAL D 203 34.87 -0.32 0.65
N GLU D 204 35.89 -0.03 -0.17
CA GLU D 204 37.14 -0.75 -0.27
C GLU D 204 37.89 -0.72 1.09
N ALA D 205 37.92 0.44 1.72
CA ALA D 205 38.43 0.58 3.04
C ALA D 205 37.64 -0.21 4.09
N LEU D 206 36.31 -0.35 3.89
CA LEU D 206 35.52 -1.10 4.83
C LEU D 206 35.81 -2.59 4.65
N LEU D 207 35.82 -3.01 3.40
CA LEU D 207 36.13 -4.37 3.10
C LEU D 207 37.38 -4.79 3.96
N SER D 208 38.51 -4.07 3.80
CA SER D 208 39.81 -4.41 4.39
C SER D 208 39.72 -4.30 5.86
N TYR D 209 39.09 -3.24 6.31
CA TYR D 209 39.08 -2.96 7.72
C TYR D 209 38.36 -4.06 8.47
N THR D 210 37.39 -4.69 7.82
CA THR D 210 36.57 -5.79 8.41
C THR D 210 37.22 -7.17 8.24
N ARG D 211 37.80 -7.41 7.08
CA ARG D 211 38.64 -8.51 6.82
C ARG D 211 39.78 -8.59 7.86
N ILE D 212 40.17 -7.44 8.43
CA ILE D 212 41.26 -7.42 9.43
C ILE D 212 40.73 -7.62 10.83
N LYS D 213 39.61 -6.98 11.11
CA LYS D 213 38.92 -7.10 12.40
C LYS D 213 38.41 -8.52 12.68
N ARG D 214 37.85 -9.20 11.69
CA ARG D 214 37.33 -10.54 11.94
C ARG D 214 37.74 -11.40 10.74
N PRO D 215 39.01 -11.85 10.70
CA PRO D 215 39.41 -12.53 9.48
C PRO D 215 38.53 -13.79 9.13
N GLN D 216 37.76 -14.28 10.09
CA GLN D 216 36.95 -15.50 9.91
C GLN D 216 35.47 -15.28 9.79
N ASP D 217 34.98 -14.10 10.23
CA ASP D 217 33.62 -13.75 9.96
C ASP D 217 33.58 -12.99 8.67
N GLN D 218 33.63 -13.73 7.57
CA GLN D 218 33.64 -13.15 6.18
C GLN D 218 32.25 -12.74 5.62
N LEU D 219 31.22 -12.89 6.45
CA LEU D 219 29.89 -12.53 6.17
C LEU D 219 29.52 -11.31 6.99
N ARG D 220 30.49 -10.68 7.64
CA ARG D 220 30.13 -9.50 8.48
C ARG D 220 30.09 -8.23 7.63
N PHE D 221 30.98 -8.16 6.66
CA PHE D 221 31.02 -7.04 5.76
C PHE D 221 29.70 -6.92 4.99
N PRO D 222 29.30 -8.02 4.27
CA PRO D 222 28.03 -8.05 3.55
C PRO D 222 26.83 -7.52 4.37
N ARG D 223 26.84 -7.83 5.65
CA ARG D 223 25.81 -7.64 6.63
C ARG D 223 25.74 -6.23 7.13
N MET D 224 26.85 -5.47 7.06
CA MET D 224 26.87 -4.02 7.37
C MET D 224 26.34 -3.26 6.21
N LEU D 225 26.67 -3.70 5.03
CA LEU D 225 26.13 -3.15 3.85
C LEU D 225 24.60 -3.43 3.66
N MET D 226 24.10 -4.62 4.00
CA MET D 226 22.62 -4.87 4.10
C MET D 226 21.89 -3.89 5.00
N LYS D 227 22.54 -3.40 6.03
CA LYS D 227 22.07 -2.28 6.79
C LYS D 227 21.81 -0.97 6.05
N LEU D 228 22.42 -0.76 4.89
CA LEU D 228 22.20 0.41 4.04
C LEU D 228 20.94 0.24 3.28
N VAL D 229 20.68 -0.98 2.84
CA VAL D 229 19.36 -1.42 2.37
C VAL D 229 18.23 -1.06 3.42
N SER D 230 18.35 -1.51 4.70
CA SER D 230 17.36 -1.24 5.75
C SER D 230 17.03 0.23 6.03
N LEU D 231 18.11 1.01 6.04
CA LEU D 231 18.03 2.45 6.16
C LEU D 231 17.24 3.08 5.05
N ARG D 232 17.31 2.54 3.85
CA ARG D 232 16.54 3.10 2.77
C ARG D 232 15.07 3.04 3.13
N THR D 233 14.59 1.87 3.53
CA THR D 233 13.23 1.69 4.03
C THR D 233 12.96 2.43 5.30
N LEU D 234 13.85 2.39 6.29
CA LEU D 234 13.51 3.20 7.49
C LEU D 234 13.26 4.64 7.11
N SER D 235 14.06 5.16 6.19
CA SER D 235 13.88 6.51 5.69
C SER D 235 12.54 6.72 5.04
N SER D 236 12.19 5.83 4.13
CA SER D 236 10.92 5.95 3.48
C SER D 236 9.67 5.79 4.43
N VAL D 237 9.82 5.05 5.55
CA VAL D 237 8.82 4.86 6.59
C VAL D 237 8.68 6.11 7.40
N HIS D 238 9.82 6.73 7.74
CA HIS D 238 9.84 8.14 8.21
C HIS D 238 9.02 9.07 7.35
N SER D 239 9.02 8.93 6.05
CA SER D 239 8.30 9.95 5.25
C SER D 239 6.79 9.72 5.32
N GLU D 240 6.38 8.47 5.58
CA GLU D 240 5.00 8.17 5.97
C GLU D 240 4.45 8.73 7.34
N GLN D 241 5.27 8.99 8.39
CA GLN D 241 4.80 9.69 9.67
C GLN D 241 4.25 11.11 9.45
N VAL D 242 3.94 11.45 8.20
CA VAL D 242 3.40 12.77 7.87
C VAL D 242 2.34 13.19 8.88
N PHE D 243 1.16 12.58 8.82
CA PHE D 243 0.06 12.90 9.75
C PHE D 243 0.42 13.03 11.21
N ALA D 244 1.34 12.19 11.70
CA ALA D 244 1.53 12.22 13.13
C ALA D 244 1.90 13.66 13.51
N LEU D 245 2.53 14.33 12.53
CA LEU D 245 3.12 15.67 12.59
C LEU D 245 2.18 16.76 12.09
N ARG D 246 1.48 16.49 10.98
CA ARG D 246 0.52 17.52 10.51
C ARG D 246 -0.60 17.71 11.54
N LEU D 247 -0.72 16.82 12.51
CA LEU D 247 -1.75 16.86 13.54
C LEU D 247 -1.23 17.29 14.92
N GLN D 248 0.07 17.56 15.07
CA GLN D 248 0.59 17.95 16.38
C GLN D 248 -0.08 19.31 16.61
N ASP D 249 -0.11 20.15 15.55
CA ASP D 249 -0.70 21.51 15.55
C ASP D 249 0.26 22.59 16.09
N LYS D 250 1.34 22.10 16.68
CA LYS D 250 2.55 22.85 16.84
C LYS D 250 3.39 22.53 15.58
N LYS D 251 3.45 23.51 14.66
CA LYS D 251 4.24 23.44 13.44
C LYS D 251 5.69 23.04 13.75
N LEU D 252 6.35 22.45 12.74
CA LEU D 252 7.74 21.97 12.80
C LEU D 252 8.79 23.02 12.35
N PRO D 253 9.89 23.18 13.15
CA PRO D 253 11.00 24.10 12.84
C PRO D 253 11.40 23.94 11.39
N PRO D 254 11.55 25.07 10.70
CA PRO D 254 11.44 25.02 9.24
C PRO D 254 12.62 24.39 8.52
N LEU D 255 13.74 24.17 9.21
CA LEU D 255 14.87 23.46 8.61
C LEU D 255 14.60 21.97 8.47
N LEU D 256 14.31 21.38 9.64
CA LEU D 256 13.78 20.07 9.86
C LEU D 256 12.59 19.85 8.98
N SER D 257 11.82 20.92 8.79
CA SER D 257 10.69 20.91 7.88
C SER D 257 11.15 21.02 6.42
N GLU D 258 12.21 21.78 6.19
CA GLU D 258 12.95 21.69 4.94
C GLU D 258 13.36 20.23 4.68
N ILE D 259 14.30 19.71 5.48
CA ILE D 259 15.04 18.49 5.15
C ILE D 259 14.11 17.31 5.04
N TRP D 260 13.00 17.43 5.75
CA TRP D 260 11.98 16.39 5.73
C TRP D 260 10.84 16.68 4.71
N ASP D 261 10.52 17.95 4.44
CA ASP D 261 9.51 18.29 3.38
C ASP D 261 9.82 19.61 2.61
#